data_3DME
#
_entry.id   3DME
#
_cell.length_a   151.717
_cell.length_b   50.573
_cell.length_c   104.895
_cell.angle_alpha   90.00
_cell.angle_beta   115.45
_cell.angle_gamma   90.00
#
_symmetry.space_group_name_H-M   'C 1 2 1'
#
loop_
_entity.id
_entity.type
_entity.pdbx_description
1 polymer 'conserved exported protein'
2 non-polymer 'FLAVIN-ADENINE DINUCLEOTIDE'
3 non-polymer 'L(+)-TARTARIC ACID'
4 water water
#
_entity_poly.entity_id   1
_entity_poly.type   'polypeptide(L)'
_entity_poly.pdbx_seq_one_letter_code
;MSTDIDCIVIGAGVVGLAIARALAAGGHEVLVAEAAEGIGTGTSSRNSEVIHAGIYYPADSLKARLCVRGKHLLYEYCAA
RGVPHQRLGKLIVATSDAEASQLDSIARRAGANGVDDLQHIDGAAARRLEPALHCTAALVSPSTGIVDSHALMLAYQGDA
ESDGAQLVFHTPLIAGRVRPEGGFELDFGGAEPMTLSCRVLINAAGLHAPGLARRIEGIPRDSIPPEYLCKGSYFTLAGR
APFSRLIYPVPQHAGLGVHLTLDLGGQAKFGPDTEWIATEDYTLDPRRADVFYAAVRSYWPALPDGALAPGYTGIRPKIS
GPHEPAADFAIAGPASHGVAGLVNLYGIESPGLTASLAIAEETLARLAA
;
_entity_poly.pdbx_strand_id   A,B
#
loop_
_chem_comp.id
_chem_comp.type
_chem_comp.name
_chem_comp.formula
FAD non-polymer 'FLAVIN-ADENINE DINUCLEOTIDE' 'C27 H33 N9 O15 P2'
TLA non-polymer 'L(+)-TARTARIC ACID' 'C4 H6 O6'
#
# COMPACT_ATOMS: atom_id res chain seq x y z
N THR A 3 22.31 -20.67 -10.04
CA THR A 3 23.31 -20.39 -8.98
C THR A 3 22.89 -19.18 -8.12
N ASP A 4 23.42 -19.09 -6.91
CA ASP A 4 23.09 -17.94 -6.09
C ASP A 4 23.64 -16.67 -6.75
N ILE A 5 22.85 -15.61 -6.75
CA ILE A 5 23.40 -14.27 -6.93
C ILE A 5 24.01 -13.96 -5.58
N ASP A 6 25.12 -13.22 -5.56
CA ASP A 6 25.76 -12.96 -4.29
C ASP A 6 24.87 -12.05 -3.43
N CYS A 7 24.61 -10.83 -3.90
CA CYS A 7 23.81 -9.85 -3.14
C CYS A 7 22.58 -9.40 -3.93
N ILE A 8 21.40 -9.41 -3.31
CA ILE A 8 20.22 -8.80 -3.92
C ILE A 8 19.80 -7.61 -3.05
N VAL A 9 19.59 -6.46 -3.66
CA VAL A 9 19.08 -5.28 -2.98
C VAL A 9 17.66 -5.07 -3.50
N ILE A 10 16.71 -5.00 -2.58
CA ILE A 10 15.31 -4.71 -2.95
C ILE A 10 15.04 -3.21 -2.82
N GLY A 11 14.75 -2.57 -3.94
CA GLY A 11 14.47 -1.14 -4.01
C GLY A 11 15.61 -0.36 -4.64
N ALA A 12 15.23 0.47 -5.63
CA ALA A 12 16.18 1.33 -6.33
C ALA A 12 15.91 2.80 -6.04
N GLY A 13 15.57 3.09 -4.79
CA GLY A 13 15.56 4.46 -4.33
C GLY A 13 16.98 4.92 -4.03
N VAL A 14 17.10 6.12 -3.49
CA VAL A 14 18.44 6.69 -3.32
C VAL A 14 19.27 5.87 -2.34
N VAL A 15 18.59 5.32 -1.33
CA VAL A 15 19.25 4.53 -0.29
C VAL A 15 19.58 3.13 -0.81
N GLY A 16 18.63 2.46 -1.46
CA GLY A 16 18.93 1.18 -2.09
C GLY A 16 20.10 1.29 -3.06
N LEU A 17 20.12 2.36 -3.84
CA LEU A 17 21.18 2.56 -4.82
C LEU A 17 22.53 2.85 -4.15
N ALA A 18 22.53 3.64 -3.09
CA ALA A 18 23.79 3.88 -2.35
C ALA A 18 24.35 2.57 -1.82
N ILE A 19 23.48 1.72 -1.31
CA ILE A 19 23.92 0.41 -0.82
C ILE A 19 24.43 -0.50 -1.93
N ALA A 20 23.71 -0.57 -3.05
CA ALA A 20 24.16 -1.37 -4.20
C ALA A 20 25.53 -0.89 -4.64
N ARG A 21 25.68 0.43 -4.72
CA ARG A 21 26.96 1.04 -5.05
C ARG A 21 28.09 0.59 -4.11
N ALA A 22 27.84 0.65 -2.80
CA ALA A 22 28.84 0.22 -1.81
C ALA A 22 29.16 -1.28 -1.93
N LEU A 23 28.13 -2.11 -2.01
CA LEU A 23 28.35 -3.55 -2.19
C LEU A 23 29.16 -3.85 -3.47
N ALA A 24 28.81 -3.21 -4.57
CA ALA A 24 29.48 -3.51 -5.83
C ALA A 24 30.94 -3.05 -5.77
N ALA A 25 31.17 -1.90 -5.14
CA ALA A 25 32.52 -1.37 -4.99
C ALA A 25 33.37 -2.28 -4.12
N GLY A 26 32.72 -3.07 -3.27
CA GLY A 26 33.40 -4.02 -2.40
C GLY A 26 33.68 -5.34 -3.11
N GLY A 27 33.37 -5.40 -4.39
CA GLY A 27 33.66 -6.59 -5.20
C GLY A 27 32.55 -7.63 -5.31
N HIS A 28 31.37 -7.29 -4.82
CA HIS A 28 30.26 -8.24 -4.80
C HIS A 28 29.37 -8.13 -6.03
N GLU A 29 28.92 -9.26 -6.55
CA GLU A 29 27.93 -9.26 -7.62
C GLU A 29 26.63 -8.77 -6.99
N VAL A 30 25.99 -7.80 -7.63
CA VAL A 30 24.77 -7.20 -7.10
C VAL A 30 23.65 -7.17 -8.12
N LEU A 31 22.48 -7.66 -7.73
CA LEU A 31 21.27 -7.45 -8.52
C LEU A 31 20.32 -6.58 -7.72
N VAL A 32 19.89 -5.46 -8.29
CA VAL A 32 18.89 -4.62 -7.64
C VAL A 32 17.53 -4.86 -8.29
N ALA A 33 16.55 -5.27 -7.47
CA ALA A 33 15.20 -5.52 -7.97
C ALA A 33 14.28 -4.36 -7.56
N GLU A 34 13.66 -3.73 -8.55
CA GLU A 34 12.77 -2.59 -8.30
C GLU A 34 11.38 -2.89 -8.90
N ALA A 35 10.34 -2.67 -8.10
CA ALA A 35 8.95 -2.97 -8.53
C ALA A 35 8.46 -2.00 -9.60
N ALA A 36 8.89 -0.75 -9.51
CA ALA A 36 8.48 0.29 -10.48
C ALA A 36 9.16 0.13 -11.83
N GLU A 37 8.75 0.93 -12.81
CA GLU A 37 9.34 0.87 -14.17
C GLU A 37 10.74 1.51 -14.32
N GLY A 38 11.14 2.36 -13.38
CA GLY A 38 12.50 2.92 -13.38
C GLY A 38 13.10 3.11 -11.99
N ILE A 39 14.25 3.79 -11.91
CA ILE A 39 14.85 4.11 -10.61
C ILE A 39 14.22 5.38 -10.04
N GLY A 40 14.19 5.46 -8.71
CA GLY A 40 13.91 6.71 -8.01
C GLY A 40 12.56 7.35 -8.29
N THR A 41 11.55 6.52 -8.48
CA THR A 41 10.20 7.03 -8.70
C THR A 41 9.45 7.21 -7.36
N GLY A 42 9.96 6.56 -6.32
CA GLY A 42 9.26 6.53 -5.03
C GLY A 42 9.46 7.74 -4.14
N THR A 43 9.80 7.49 -2.88
CA THR A 43 9.98 8.57 -1.92
C THR A 43 11.26 9.35 -2.20
N SER A 44 12.02 8.88 -3.18
CA SER A 44 13.22 9.59 -3.63
C SER A 44 12.91 10.59 -4.73
N SER A 45 11.63 10.70 -5.09
CA SER A 45 11.20 11.67 -6.10
C SER A 45 10.12 12.61 -5.55
N ARG A 46 9.91 12.54 -4.23
CA ARG A 46 8.84 13.32 -3.60
C ARG A 46 9.33 13.93 -2.28
N ASN A 47 10.48 14.61 -2.33
CA ASN A 47 11.02 15.28 -1.15
C ASN A 47 11.49 16.71 -1.50
N SER A 48 12.02 17.42 -0.50
CA SER A 48 12.44 18.83 -0.68
C SER A 48 13.81 18.93 -1.35
N GLU A 49 14.55 17.82 -1.31
CA GLU A 49 15.83 17.75 -1.93
C GLU A 49 16.80 18.62 -1.16
N VAL A 50 16.59 18.74 0.15
CA VAL A 50 17.49 19.52 1.00
C VAL A 50 18.65 18.68 1.54
N ILE A 51 19.86 19.21 1.42
CA ILE A 51 21.03 18.60 2.06
C ILE A 51 21.07 19.19 3.47
N HIS A 52 20.66 18.40 4.45
CA HIS A 52 20.53 18.88 5.82
C HIS A 52 21.86 18.99 6.56
N ALA A 53 21.97 20.00 7.41
CA ALA A 53 23.19 20.22 8.19
C ALA A 53 23.41 19.20 9.32
N GLY A 54 22.35 18.73 9.96
CA GLY A 54 22.42 17.80 11.10
C GLY A 54 22.12 18.51 12.43
N ILE A 55 21.21 19.47 12.36
CA ILE A 55 21.01 20.42 13.46
C ILE A 55 20.27 19.83 14.66
N TYR A 56 19.07 19.28 14.45
CA TYR A 56 18.23 19.05 15.63
C TYR A 56 17.98 17.59 16.02
N TYR A 57 18.63 16.66 15.34
CA TYR A 57 18.49 15.24 15.69
C TYR A 57 19.13 14.96 17.04
N PRO A 58 18.56 14.01 17.80
CA PRO A 58 19.07 13.78 19.14
C PRO A 58 20.51 13.23 19.13
N ALA A 59 21.29 13.60 20.12
CA ALA A 59 22.70 13.21 20.16
C ALA A 59 22.91 11.71 19.92
N ASP A 60 23.87 11.39 19.06
CA ASP A 60 24.27 10.01 18.77
C ASP A 60 23.22 9.11 18.13
N SER A 61 22.06 9.68 17.79
CA SER A 61 21.09 8.97 16.95
C SER A 61 21.69 8.65 15.60
N LEU A 62 21.12 7.66 14.90
CA LEU A 62 21.55 7.41 13.53
C LEU A 62 21.24 8.62 12.66
N LYS A 63 20.08 9.25 12.86
CA LYS A 63 19.79 10.45 12.12
C LYS A 63 20.90 11.49 12.33
N ALA A 64 21.32 11.71 13.57
CA ALA A 64 22.36 12.74 13.78
C ALA A 64 23.68 12.32 13.12
N ARG A 65 24.13 11.11 13.42
CA ARG A 65 25.45 10.67 12.99
C ARG A 65 25.55 10.54 11.48
N LEU A 66 24.54 9.91 10.90
CA LEU A 66 24.54 9.67 9.46
C LEU A 66 24.18 10.91 8.67
N CYS A 67 23.42 11.84 9.25
CA CYS A 67 23.15 13.07 8.52
C CYS A 67 24.44 13.86 8.36
N VAL A 68 25.23 13.95 9.43
CA VAL A 68 26.42 14.81 9.39
C VAL A 68 27.50 14.16 8.53
N ARG A 69 27.77 12.89 8.77
CA ARG A 69 28.69 12.15 7.93
C ARG A 69 28.24 12.13 6.46
N GLY A 70 26.95 11.87 6.25
CA GLY A 70 26.38 11.79 4.92
C GLY A 70 26.50 13.10 4.17
N LYS A 71 26.29 14.22 4.89
CA LYS A 71 26.42 15.54 4.30
C LYS A 71 27.82 15.75 3.74
N HIS A 72 28.82 15.43 4.55
CA HIS A 72 30.19 15.56 4.09
C HIS A 72 30.47 14.67 2.87
N LEU A 73 30.09 13.41 2.95
CA LEU A 73 30.29 12.50 1.82
C LEU A 73 29.56 13.00 0.58
N LEU A 74 28.35 13.54 0.76
CA LEU A 74 27.51 13.90 -0.38
C LEU A 74 28.03 15.18 -1.06
N TYR A 75 28.46 16.18 -0.28
CA TYR A 75 28.99 17.38 -0.91
C TYR A 75 30.24 17.04 -1.71
N GLU A 76 31.07 16.17 -1.14
CA GLU A 76 32.26 15.72 -1.86
C GLU A 76 31.89 14.95 -3.14
N TYR A 77 30.92 14.02 -3.01
CA TYR A 77 30.45 13.22 -4.13
C TYR A 77 29.91 14.10 -5.24
N CYS A 78 29.10 15.10 -4.88
CA CYS A 78 28.49 15.95 -5.88
C CYS A 78 29.54 16.75 -6.64
N ALA A 79 30.53 17.26 -5.92
CA ALA A 79 31.60 18.01 -6.58
C ALA A 79 32.45 17.09 -7.44
N ALA A 80 32.72 15.89 -6.95
CA ALA A 80 33.60 14.94 -7.63
C ALA A 80 32.96 14.44 -8.92
N ARG A 81 31.63 14.27 -8.90
CA ARG A 81 30.93 13.61 -9.99
C ARG A 81 30.14 14.57 -10.85
N GLY A 82 30.03 15.82 -10.43
CA GLY A 82 29.31 16.82 -11.21
C GLY A 82 27.80 16.73 -11.10
N VAL A 83 27.30 16.28 -9.96
CA VAL A 83 25.86 16.26 -9.70
C VAL A 83 25.41 17.66 -9.33
N PRO A 84 24.38 18.18 -10.01
CA PRO A 84 23.91 19.54 -9.71
C PRO A 84 23.48 19.69 -8.23
N HIS A 85 24.03 20.71 -7.58
CA HIS A 85 23.68 21.00 -6.19
C HIS A 85 24.11 22.42 -5.87
N GLN A 86 23.58 22.97 -4.79
CA GLN A 86 23.92 24.33 -4.36
C GLN A 86 23.98 24.40 -2.84
N ARG A 87 25.08 24.95 -2.32
CA ARG A 87 25.21 25.16 -0.88
C ARG A 87 24.65 26.53 -0.54
N LEU A 88 23.33 26.66 -0.58
CA LEU A 88 22.76 28.01 -0.53
C LEU A 88 22.47 28.53 0.86
N GLY A 89 22.50 27.65 1.85
CA GLY A 89 22.30 28.09 3.22
C GLY A 89 20.82 28.11 3.59
N LYS A 90 20.57 28.21 4.90
CA LYS A 90 19.21 28.16 5.44
C LYS A 90 19.13 29.07 6.65
N LEU A 91 17.96 29.66 6.87
CA LEU A 91 17.67 30.37 8.12
C LEU A 91 16.59 29.61 8.87
N ILE A 92 16.86 29.31 10.16
CA ILE A 92 15.81 28.88 11.06
C ILE A 92 15.28 30.16 11.68
N VAL A 93 14.01 30.47 11.46
CA VAL A 93 13.50 31.78 11.85
C VAL A 93 12.53 31.70 13.01
N ALA A 94 12.74 32.59 14.00
CA ALA A 94 11.82 32.75 15.13
C ALA A 94 10.86 33.90 14.81
N THR A 95 9.57 33.69 15.00
CA THR A 95 8.60 34.72 14.67
C THR A 95 7.83 35.25 15.90
N SER A 96 8.40 35.01 17.08
CA SER A 96 7.89 35.58 18.32
C SER A 96 9.06 35.63 19.31
N ASP A 97 8.89 36.38 20.40
CA ASP A 97 9.91 36.38 21.44
C ASP A 97 10.10 35.00 22.05
N ALA A 98 9.02 34.25 22.26
CA ALA A 98 9.14 32.92 22.86
C ALA A 98 9.97 32.02 21.94
N GLU A 99 9.70 32.07 20.64
CA GLU A 99 10.50 31.29 19.69
C GLU A 99 11.95 31.73 19.64
N ALA A 100 12.18 33.04 19.74
CA ALA A 100 13.54 33.56 19.71
C ALA A 100 14.34 32.97 20.87
N SER A 101 13.66 32.74 21.99
CA SER A 101 14.29 32.18 23.18
C SER A 101 14.72 30.73 23.02
N GLN A 102 14.16 30.06 22.00
CA GLN A 102 14.44 28.65 21.73
C GLN A 102 15.73 28.45 20.94
N LEU A 103 16.23 29.53 20.33
CA LEU A 103 17.33 29.39 19.37
C LEU A 103 18.64 28.96 20.03
N ASP A 104 18.90 29.44 21.24
CA ASP A 104 20.21 29.16 21.85
C ASP A 104 20.36 27.64 22.01
N SER A 105 19.32 26.98 22.50
CA SER A 105 19.40 25.53 22.77
C SER A 105 19.51 24.75 21.47
N ILE A 106 18.80 25.23 20.45
CA ILE A 106 18.90 24.59 19.14
C ILE A 106 20.34 24.64 18.61
N ALA A 107 20.98 25.81 18.73
CA ALA A 107 22.38 25.93 18.28
C ALA A 107 23.31 25.03 19.10
N ARG A 108 23.04 24.88 20.39
CA ARG A 108 23.87 23.99 21.21
C ARG A 108 23.69 22.53 20.79
N ARG A 109 22.47 22.15 20.42
CA ARG A 109 22.27 20.77 19.97
C ARG A 109 23.05 20.51 18.68
N ALA A 110 22.98 21.47 17.77
CA ALA A 110 23.69 21.36 16.48
C ALA A 110 25.18 21.23 16.77
N GLY A 111 25.70 22.07 17.66
CA GLY A 111 27.14 22.00 17.99
C GLY A 111 27.54 20.62 18.46
N ALA A 112 26.69 20.01 19.28
CA ALA A 112 27.00 18.70 19.84
C ALA A 112 26.98 17.62 18.78
N ASN A 113 26.23 17.87 17.69
CA ASN A 113 26.18 16.94 16.56
C ASN A 113 27.32 17.13 15.57
N GLY A 114 28.18 18.10 15.85
CA GLY A 114 29.27 18.46 14.95
C GLY A 114 28.92 19.49 13.87
N VAL A 115 27.85 20.26 14.11
CA VAL A 115 27.51 21.37 13.22
C VAL A 115 27.92 22.63 13.95
N ASP A 116 29.06 23.18 13.57
CA ASP A 116 29.57 24.23 14.42
C ASP A 116 29.62 25.57 13.69
N ASP A 117 28.92 25.66 12.57
CA ASP A 117 28.90 26.89 11.78
C ASP A 117 27.60 27.69 11.87
N LEU A 118 26.74 27.42 12.85
CA LEU A 118 25.51 28.21 12.94
C LEU A 118 25.81 29.63 13.38
N GLN A 119 24.99 30.57 12.93
CA GLN A 119 25.18 31.98 13.31
C GLN A 119 23.87 32.49 13.89
N HIS A 120 23.91 32.99 15.12
CA HIS A 120 22.71 33.46 15.79
C HIS A 120 22.63 34.96 15.60
N ILE A 121 21.57 35.44 14.95
CA ILE A 121 21.45 36.85 14.60
C ILE A 121 20.05 37.38 14.93
N ASP A 122 19.92 38.71 15.04
CA ASP A 122 18.62 39.31 15.35
C ASP A 122 17.81 39.55 14.09
N GLY A 123 16.59 40.05 14.23
CA GLY A 123 15.71 40.14 13.06
C GLY A 123 16.17 41.17 12.05
N ALA A 124 16.80 42.24 12.53
CA ALA A 124 17.28 43.28 11.63
C ALA A 124 18.41 42.71 10.80
N ALA A 125 19.29 41.94 11.43
CA ALA A 125 20.36 41.27 10.69
C ALA A 125 19.81 40.28 9.67
N ALA A 126 18.75 39.55 10.06
CA ALA A 126 18.17 38.57 9.16
C ALA A 126 17.56 39.28 7.97
N ARG A 127 16.95 40.45 8.20
CA ARG A 127 16.41 41.23 7.10
C ARG A 127 17.49 41.80 6.16
N ARG A 128 18.69 42.06 6.68
CA ARG A 128 19.81 42.42 5.80
C ARG A 128 20.15 41.29 4.85
N LEU A 129 20.13 40.07 5.37
CA LEU A 129 20.42 38.89 4.56
C LEU A 129 19.29 38.61 3.57
N GLU A 130 18.06 38.81 4.02
CA GLU A 130 16.88 38.44 3.23
C GLU A 130 15.83 39.53 3.36
N PRO A 131 15.85 40.50 2.43
CA PRO A 131 14.99 41.67 2.48
C PRO A 131 13.50 41.39 2.68
N ALA A 132 13.01 40.24 2.22
CA ALA A 132 11.58 39.95 2.32
C ALA A 132 11.18 39.34 3.67
N LEU A 133 12.17 39.04 4.48
CA LEU A 133 11.95 38.24 5.69
C LEU A 133 11.52 39.08 6.91
N HIS A 134 10.46 38.64 7.58
CA HIS A 134 10.03 39.21 8.86
C HIS A 134 10.21 38.19 9.98
N CYS A 135 11.20 38.41 10.83
CA CYS A 135 11.38 37.51 11.97
C CYS A 135 11.97 38.26 13.15
N THR A 136 11.94 37.62 14.31
CA THR A 136 12.40 38.21 15.56
C THR A 136 13.89 37.94 15.73
N ALA A 137 14.33 36.76 15.31
CA ALA A 137 15.73 36.37 15.35
C ALA A 137 15.89 35.15 14.47
N ALA A 138 17.13 34.76 14.16
CA ALA A 138 17.30 33.58 13.33
C ALA A 138 18.61 32.89 13.63
N LEU A 139 18.69 31.62 13.25
CA LEU A 139 19.97 30.92 13.15
C LEU A 139 20.27 30.73 11.68
N VAL A 140 21.44 31.19 11.25
CA VAL A 140 21.92 30.89 9.91
C VAL A 140 22.65 29.56 9.90
N SER A 141 22.33 28.71 8.92
CA SER A 141 22.98 27.40 8.74
C SER A 141 23.62 27.38 7.36
N PRO A 142 24.90 27.78 7.27
CA PRO A 142 25.49 27.96 5.94
C PRO A 142 25.77 26.68 5.19
N SER A 143 25.83 25.54 5.88
CA SER A 143 26.19 24.28 5.22
C SER A 143 24.97 23.58 4.60
N THR A 144 23.77 24.07 4.92
CA THR A 144 22.55 23.48 4.36
C THR A 144 22.49 23.79 2.88
N GLY A 145 22.12 22.80 2.06
CA GLY A 145 22.07 22.99 0.62
C GLY A 145 20.87 22.32 -0.03
N ILE A 146 20.90 22.28 -1.36
CA ILE A 146 19.90 21.53 -2.15
C ILE A 146 20.60 20.69 -3.21
N VAL A 147 19.95 19.60 -3.59
CA VAL A 147 20.51 18.67 -4.57
C VAL A 147 19.40 18.11 -5.45
N ASP A 148 19.77 17.81 -6.68
CA ASP A 148 18.89 17.14 -7.63
C ASP A 148 18.96 15.67 -7.34
N SER A 149 17.91 15.15 -6.70
CA SER A 149 17.93 13.80 -6.16
C SER A 149 17.81 12.79 -7.27
N HIS A 150 17.10 13.15 -8.33
CA HIS A 150 17.06 12.31 -9.53
C HIS A 150 18.45 12.15 -10.15
N ALA A 151 19.17 13.25 -10.31
CA ALA A 151 20.53 13.19 -10.80
C ALA A 151 21.39 12.35 -9.85
N LEU A 152 21.21 12.54 -8.56
CA LEU A 152 22.01 11.80 -7.59
C LEU A 152 21.78 10.31 -7.75
N MET A 153 20.51 9.92 -7.86
CA MET A 153 20.15 8.52 -8.07
C MET A 153 20.82 7.92 -9.33
N LEU A 154 20.75 8.64 -10.43
CA LEU A 154 21.33 8.17 -11.69
C LEU A 154 22.83 8.00 -11.53
N ALA A 155 23.45 8.89 -10.75
CA ALA A 155 24.87 8.85 -10.54
C ALA A 155 25.25 7.63 -9.71
N TYR A 156 24.49 7.35 -8.64
CA TYR A 156 24.73 6.15 -7.83
C TYR A 156 24.55 4.91 -8.72
N GLN A 157 23.51 4.93 -9.54
CA GLN A 157 23.24 3.81 -10.44
C GLN A 157 24.41 3.57 -11.38
N GLY A 158 24.88 4.63 -12.03
CA GLY A 158 26.07 4.57 -12.88
C GLY A 158 27.28 3.95 -12.21
N ASP A 159 27.59 4.40 -11.00
CA ASP A 159 28.70 3.84 -10.25
C ASP A 159 28.53 2.34 -10.01
N ALA A 160 27.35 1.93 -9.54
CA ALA A 160 27.12 0.53 -9.22
C ALA A 160 27.27 -0.32 -10.47
N GLU A 161 26.69 0.14 -11.57
CA GLU A 161 26.78 -0.57 -12.84
C GLU A 161 28.23 -0.69 -13.31
N SER A 162 29.02 0.36 -13.10
CA SER A 162 30.43 0.31 -13.47
C SER A 162 31.19 -0.79 -12.71
N ASP A 163 30.68 -1.15 -11.53
CA ASP A 163 31.24 -2.25 -10.76
C ASP A 163 30.39 -3.52 -10.91
N GLY A 164 29.69 -3.62 -12.03
CA GLY A 164 29.01 -4.86 -12.43
C GLY A 164 27.61 -5.08 -11.90
N ALA A 165 27.07 -4.12 -11.16
CA ALA A 165 25.70 -4.28 -10.66
C ALA A 165 24.72 -4.27 -11.82
N GLN A 166 23.64 -5.04 -11.69
CA GLN A 166 22.57 -5.06 -12.68
C GLN A 166 21.28 -4.65 -11.99
N LEU A 167 20.51 -3.80 -12.65
CA LEU A 167 19.23 -3.35 -12.12
C LEU A 167 18.11 -3.92 -12.95
N VAL A 168 17.12 -4.50 -12.28
CA VAL A 168 15.97 -5.06 -13.00
C VAL A 168 14.69 -4.39 -12.53
N PHE A 169 14.02 -3.71 -13.45
CA PHE A 169 12.81 -2.96 -13.12
C PHE A 169 11.55 -3.81 -13.33
N HIS A 170 10.41 -3.27 -12.93
CA HIS A 170 9.13 -4.01 -12.91
C HIS A 170 9.29 -5.45 -12.40
N THR A 171 10.04 -5.57 -11.31
CA THR A 171 10.36 -6.86 -10.71
C THR A 171 10.10 -6.80 -9.21
N PRO A 172 8.84 -7.01 -8.81
CA PRO A 172 8.47 -6.92 -7.41
C PRO A 172 8.80 -8.19 -6.62
N LEU A 173 9.49 -8.05 -5.50
CA LEU A 173 9.65 -9.17 -4.57
C LEU A 173 8.32 -9.43 -3.84
N ILE A 174 7.84 -10.67 -3.92
CA ILE A 174 6.53 -11.00 -3.33
C ILE A 174 6.67 -11.79 -2.05
N ALA A 175 7.48 -12.84 -2.08
CA ALA A 175 7.63 -13.67 -0.91
C ALA A 175 9.05 -14.20 -0.91
N GLY A 176 9.54 -14.56 0.26
CA GLY A 176 10.87 -15.14 0.35
C GLY A 176 10.98 -16.04 1.56
N ARG A 177 12.14 -16.67 1.72
CA ARG A 177 12.41 -17.48 2.89
C ARG A 177 13.90 -17.53 3.16
N VAL A 178 14.26 -17.48 4.43
CA VAL A 178 15.63 -17.76 4.85
C VAL A 178 15.85 -19.24 4.67
N ARG A 179 16.89 -19.61 3.93
CA ARG A 179 17.19 -21.01 3.67
C ARG A 179 17.91 -21.66 4.84
N PRO A 180 17.51 -22.90 5.18
CA PRO A 180 18.12 -23.66 6.27
C PRO A 180 19.65 -23.64 6.17
N GLU A 181 20.17 -23.77 4.94
CA GLU A 181 21.61 -23.76 4.70
C GLU A 181 22.25 -22.37 4.63
N GLY A 182 21.45 -21.32 4.86
CA GLY A 182 21.95 -19.95 4.73
C GLY A 182 21.52 -19.36 3.39
N GLY A 183 21.51 -18.03 3.29
CA GLY A 183 21.05 -17.40 2.05
C GLY A 183 19.52 -17.36 2.01
N PHE A 184 19.00 -17.02 0.84
CA PHE A 184 17.57 -16.71 0.69
C PHE A 184 17.04 -17.26 -0.61
N GLU A 185 15.76 -17.67 -0.60
CA GLU A 185 15.08 -18.01 -1.84
C GLU A 185 13.95 -17.00 -1.98
N LEU A 186 13.84 -16.43 -3.18
CA LEU A 186 12.98 -15.26 -3.38
C LEU A 186 12.05 -15.43 -4.56
N ASP A 187 10.76 -15.16 -4.36
CA ASP A 187 9.77 -15.24 -5.41
C ASP A 187 9.39 -13.85 -5.87
N PHE A 188 9.70 -13.56 -7.13
CA PHE A 188 9.36 -12.28 -7.74
C PHE A 188 8.08 -12.40 -8.56
N GLY A 189 7.32 -11.32 -8.59
CA GLY A 189 6.04 -11.30 -9.28
C GLY A 189 6.06 -10.49 -10.56
N GLY A 190 4.98 -9.74 -10.79
CA GLY A 190 4.83 -8.93 -12.00
C GLY A 190 4.48 -9.76 -13.23
N ALA A 191 4.80 -9.22 -14.40
CA ALA A 191 4.45 -9.83 -15.68
C ALA A 191 5.26 -11.10 -15.95
N GLU A 192 6.43 -11.20 -15.34
CA GLU A 192 7.35 -12.31 -15.61
C GLU A 192 7.86 -12.91 -14.31
N PRO A 193 6.98 -13.59 -13.56
CA PRO A 193 7.37 -14.11 -12.26
C PRO A 193 8.50 -15.10 -12.37
N MET A 194 9.35 -15.11 -11.35
CA MET A 194 10.54 -15.96 -11.38
C MET A 194 11.03 -16.13 -9.97
N THR A 195 11.87 -17.14 -9.72
CA THR A 195 12.48 -17.33 -8.41
C THR A 195 14.00 -17.23 -8.55
N LEU A 196 14.63 -16.53 -7.61
CA LEU A 196 16.10 -16.41 -7.57
C LEU A 196 16.55 -16.64 -6.15
N SER A 197 17.80 -17.05 -5.97
CA SER A 197 18.33 -17.24 -4.64
C SER A 197 19.60 -16.41 -4.48
N CYS A 198 19.97 -16.11 -3.25
CA CYS A 198 21.09 -15.20 -2.99
C CYS A 198 21.75 -15.41 -1.63
N ARG A 199 22.96 -14.90 -1.48
CA ARG A 199 23.66 -15.05 -0.21
C ARG A 199 23.32 -13.92 0.74
N VAL A 200 23.23 -12.71 0.21
CA VAL A 200 22.97 -11.52 1.00
C VAL A 200 21.69 -10.85 0.50
N LEU A 201 20.84 -10.42 1.41
CA LEU A 201 19.62 -9.70 1.05
C LEU A 201 19.51 -8.37 1.77
N ILE A 202 19.34 -7.30 1.01
CA ILE A 202 19.15 -5.98 1.59
C ILE A 202 17.72 -5.55 1.25
N ASN A 203 16.92 -5.35 2.28
CA ASN A 203 15.55 -4.87 2.13
C ASN A 203 15.54 -3.36 2.33
N ALA A 204 15.54 -2.64 1.21
CA ALA A 204 15.57 -1.19 1.18
C ALA A 204 14.29 -0.70 0.54
N ALA A 205 13.18 -1.37 0.88
CA ALA A 205 11.92 -1.14 0.19
C ALA A 205 11.11 0.08 0.66
N GLY A 206 11.69 0.91 1.52
CA GLY A 206 11.06 2.18 1.89
C GLY A 206 9.75 2.05 2.66
N LEU A 207 8.70 2.66 2.11
CA LEU A 207 7.36 2.57 2.68
C LEU A 207 6.94 1.13 2.96
N HIS A 208 7.49 0.22 2.18
CA HIS A 208 7.05 -1.17 2.22
C HIS A 208 8.03 -2.08 2.90
N ALA A 209 9.10 -1.53 3.48
CA ALA A 209 10.09 -2.41 4.07
C ALA A 209 9.56 -3.29 5.21
N PRO A 210 8.78 -2.73 6.15
CA PRO A 210 8.31 -3.61 7.24
C PRO A 210 7.36 -4.72 6.76
N GLY A 211 6.45 -4.36 5.87
CA GLY A 211 5.51 -5.35 5.32
C GLY A 211 6.25 -6.39 4.54
N LEU A 212 7.28 -5.96 3.81
CA LEU A 212 8.07 -6.90 3.02
C LEU A 212 8.84 -7.85 3.94
N ALA A 213 9.39 -7.33 5.03
CA ALA A 213 10.06 -8.25 5.98
C ALA A 213 9.10 -9.33 6.49
N ARG A 214 7.85 -8.95 6.73
CA ARG A 214 6.86 -9.91 7.19
C ARG A 214 6.57 -10.96 6.10
N ARG A 215 6.91 -10.64 4.86
CA ARG A 215 6.70 -11.58 3.75
C ARG A 215 7.90 -12.48 3.49
N ILE A 216 8.92 -12.39 4.34
CA ILE A 216 10.06 -13.27 4.25
C ILE A 216 10.06 -14.22 5.44
N GLU A 217 9.76 -15.49 5.19
CA GLU A 217 9.79 -16.49 6.25
C GLU A 217 11.18 -16.59 6.84
N GLY A 218 11.26 -16.61 8.17
CA GLY A 218 12.55 -16.72 8.83
C GLY A 218 13.00 -15.41 9.45
N ILE A 219 12.36 -14.31 9.11
CA ILE A 219 12.63 -13.05 9.81
C ILE A 219 11.74 -12.97 11.04
N PRO A 220 12.31 -12.84 12.25
CA PRO A 220 11.45 -12.87 13.44
C PRO A 220 10.36 -11.80 13.40
N ARG A 221 9.11 -12.20 13.60
CA ARG A 221 8.01 -11.21 13.51
C ARG A 221 8.05 -10.16 14.60
N ASP A 222 8.62 -10.50 15.76
CA ASP A 222 8.71 -9.51 16.82
C ASP A 222 9.76 -8.41 16.55
N SER A 223 10.62 -8.63 15.58
CA SER A 223 11.67 -7.67 15.22
C SER A 223 11.17 -6.59 14.26
N ILE A 224 10.01 -6.81 13.67
CA ILE A 224 9.56 -5.96 12.57
C ILE A 224 8.60 -4.89 13.07
N PRO A 225 8.92 -3.61 12.84
CA PRO A 225 8.04 -2.52 13.29
C PRO A 225 6.75 -2.42 12.47
N PRO A 226 5.73 -1.74 13.01
CA PRO A 226 4.49 -1.54 12.26
C PRO A 226 4.74 -0.54 11.13
N GLU A 227 3.97 -0.63 10.05
CA GLU A 227 4.23 0.19 8.87
C GLU A 227 3.19 1.32 8.82
N TYR A 228 3.58 2.56 9.15
CA TYR A 228 2.64 3.71 9.05
C TYR A 228 3.00 4.60 7.87
N LEU A 229 2.07 5.47 7.48
CA LEU A 229 2.28 6.38 6.35
C LEU A 229 1.95 7.81 6.76
N CYS A 230 2.88 8.73 6.53
CA CYS A 230 2.65 10.14 6.85
C CYS A 230 2.94 10.97 5.61
N LYS A 231 1.89 11.35 4.92
CA LYS A 231 2.00 12.07 3.68
C LYS A 231 2.41 13.52 3.88
N GLY A 232 3.03 14.09 2.85
CA GLY A 232 3.41 15.50 2.85
C GLY A 232 3.14 16.12 1.48
N SER A 233 2.53 17.29 1.49
CA SER A 233 2.20 17.99 0.24
C SER A 233 3.03 19.25 0.12
N TYR A 234 3.47 19.53 -1.10
CA TYR A 234 4.19 20.76 -1.41
C TYR A 234 3.38 21.61 -2.39
N PHE A 235 3.52 22.93 -2.26
CA PHE A 235 2.94 23.87 -3.23
C PHE A 235 4.02 24.76 -3.76
N THR A 236 3.84 25.21 -4.99
CA THR A 236 4.89 25.94 -5.67
C THR A 236 4.50 27.39 -5.89
N LEU A 237 5.51 28.23 -6.10
CA LEU A 237 5.31 29.64 -6.32
C LEU A 237 5.88 29.98 -7.68
N ALA A 238 5.02 30.44 -8.59
CA ALA A 238 5.47 30.89 -9.89
C ALA A 238 6.24 32.20 -9.75
N GLY A 239 7.25 32.39 -10.60
CA GLY A 239 7.87 33.70 -10.70
C GLY A 239 9.03 33.96 -9.75
N ARG A 240 9.94 33.01 -9.63
CA ARG A 240 11.22 33.30 -8.98
C ARG A 240 11.04 33.77 -7.52
N ALA A 241 11.91 33.25 -6.66
CA ALA A 241 11.65 33.20 -5.24
C ALA A 241 11.92 34.51 -4.51
N PRO A 242 11.23 34.71 -3.37
CA PRO A 242 11.43 35.93 -2.62
C PRO A 242 12.69 35.86 -1.74
N PHE A 243 13.29 34.67 -1.64
CA PHE A 243 14.44 34.46 -0.75
C PHE A 243 15.57 33.74 -1.49
N SER A 244 16.79 33.94 -1.00
CA SER A 244 17.95 33.29 -1.58
C SER A 244 18.41 32.06 -0.78
N ARG A 245 17.89 31.92 0.43
CA ARG A 245 18.19 30.80 1.32
C ARG A 245 16.88 30.08 1.66
N LEU A 246 17.01 28.83 2.12
CA LEU A 246 15.87 28.09 2.66
C LEU A 246 15.40 28.76 3.94
N ILE A 247 14.08 28.72 4.19
CA ILE A 247 13.53 29.25 5.43
C ILE A 247 12.75 28.16 6.16
N TYR A 248 13.14 27.89 7.40
CA TYR A 248 12.45 26.93 8.28
C TYR A 248 11.98 27.62 9.56
N PRO A 249 10.69 27.47 9.92
CA PRO A 249 10.27 27.86 11.27
C PRO A 249 10.99 27.00 12.33
N VAL A 250 10.98 27.43 13.59
CA VAL A 250 11.66 26.66 14.64
C VAL A 250 11.03 25.28 14.81
N PRO A 251 11.82 24.30 15.27
CA PRO A 251 11.37 22.92 15.33
C PRO A 251 10.08 22.78 16.13
N GLN A 252 9.96 23.57 17.20
CA GLN A 252 8.84 23.45 18.12
C GLN A 252 7.72 24.44 17.84
N HIS A 253 7.77 25.08 16.67
CA HIS A 253 6.70 25.97 16.26
C HIS A 253 5.36 25.25 16.38
N ALA A 254 4.37 25.94 16.92
CA ALA A 254 3.06 25.34 17.16
C ALA A 254 2.33 25.03 15.86
N GLY A 255 1.81 23.81 15.75
CA GLY A 255 0.99 23.44 14.58
C GLY A 255 1.82 23.34 13.32
N LEU A 256 1.30 23.90 12.22
CA LEU A 256 1.92 23.69 10.91
C LEU A 256 3.16 24.54 10.73
N GLY A 257 4.30 23.90 10.52
CA GLY A 257 5.53 24.64 10.19
C GLY A 257 5.85 24.47 8.72
N VAL A 258 5.66 25.55 7.96
CA VAL A 258 5.83 25.47 6.52
C VAL A 258 7.24 25.89 6.12
N HIS A 259 7.98 24.95 5.54
CA HIS A 259 9.31 25.28 5.02
C HIS A 259 9.20 25.98 3.67
N LEU A 260 10.07 26.97 3.47
CA LEU A 260 10.23 27.54 2.14
C LEU A 260 11.56 27.01 1.61
N THR A 261 11.50 26.20 0.57
CA THR A 261 12.74 25.68 -0.02
C THR A 261 12.84 26.07 -1.51
N LEU A 262 13.97 25.78 -2.12
CA LEU A 262 14.23 26.27 -3.48
C LEU A 262 14.67 25.09 -4.32
N ASP A 263 14.29 25.09 -5.59
CA ASP A 263 14.83 24.09 -6.50
C ASP A 263 16.06 24.67 -7.19
N LEU A 264 16.78 23.85 -7.94
CA LEU A 264 18.02 24.29 -8.56
C LEU A 264 17.82 25.40 -9.60
N GLY A 265 16.61 25.46 -10.16
CA GLY A 265 16.27 26.51 -11.12
C GLY A 265 15.92 27.84 -10.47
N GLY A 266 15.89 27.86 -9.14
CA GLY A 266 15.66 29.10 -8.39
C GLY A 266 14.23 29.35 -7.95
N GLN A 267 13.34 28.40 -8.22
CA GLN A 267 11.91 28.58 -7.90
C GLN A 267 11.63 28.13 -6.49
N ALA A 268 10.73 28.82 -5.79
CA ALA A 268 10.43 28.51 -4.41
C ALA A 268 9.31 27.50 -4.31
N LYS A 269 9.38 26.63 -3.31
CA LYS A 269 8.25 25.78 -2.98
C LYS A 269 8.03 25.75 -1.48
N PHE A 270 6.81 25.39 -1.10
CA PHE A 270 6.40 25.45 0.31
C PHE A 270 5.92 24.10 0.75
N GLY A 271 6.29 23.70 1.97
CA GLY A 271 5.96 22.37 2.47
C GLY A 271 7.21 21.59 2.80
N PRO A 272 7.03 20.31 3.18
CA PRO A 272 5.75 19.58 3.16
C PRO A 272 4.93 19.76 4.43
N ASP A 273 3.62 19.50 4.34
CA ASP A 273 2.82 19.42 5.55
C ASP A 273 2.88 18.00 6.08
N THR A 274 1.98 17.69 7.01
CA THR A 274 1.91 16.34 7.58
C THR A 274 0.47 15.83 7.58
N GLU A 275 0.31 14.60 7.11
CA GLU A 275 -1.01 14.01 6.97
C GLU A 275 -0.92 12.50 7.09
N TRP A 276 -1.34 11.98 8.24
CA TRP A 276 -1.30 10.55 8.46
C TRP A 276 -2.43 9.89 7.67
N ILE A 277 -2.08 8.89 6.87
CA ILE A 277 -3.02 8.25 5.96
C ILE A 277 -2.98 6.74 6.05
N ALA A 278 -4.02 6.09 5.53
CA ALA A 278 -4.18 4.64 5.64
C ALA A 278 -3.60 3.84 4.48
N THR A 279 -3.48 4.47 3.32
CA THR A 279 -3.04 3.77 2.12
C THR A 279 -2.12 4.67 1.31
N GLU A 280 -1.39 4.06 0.38
CA GLU A 280 -0.38 4.75 -0.41
C GLU A 280 -0.99 5.52 -1.57
N ASP A 281 -1.39 6.75 -1.28
CA ASP A 281 -2.13 7.57 -2.22
C ASP A 281 -1.42 8.91 -2.41
N TYR A 282 -0.90 9.16 -3.61
CA TYR A 282 -0.07 10.35 -3.89
C TYR A 282 -0.85 11.52 -4.46
N THR A 283 -2.16 11.34 -4.59
CA THR A 283 -3.01 12.38 -5.16
C THR A 283 -2.88 13.70 -4.40
N LEU A 284 -2.64 14.79 -5.14
CA LEU A 284 -2.54 16.10 -4.52
C LEU A 284 -3.91 16.74 -4.29
N ASP A 285 -4.16 17.16 -3.05
CA ASP A 285 -5.36 17.90 -2.72
C ASP A 285 -4.98 19.38 -2.67
N PRO A 286 -5.35 20.13 -3.72
CA PRO A 286 -4.98 21.54 -3.79
C PRO A 286 -5.49 22.33 -2.58
N ARG A 287 -6.56 21.85 -1.96
CA ARG A 287 -7.14 22.55 -0.83
C ARG A 287 -6.28 22.52 0.43
N ARG A 288 -5.28 21.63 0.43
CA ARG A 288 -4.39 21.55 1.59
C ARG A 288 -3.50 22.80 1.71
N ALA A 289 -3.41 23.57 0.63
CA ALA A 289 -2.67 24.85 0.66
C ALA A 289 -3.37 25.93 1.49
N ASP A 290 -4.67 25.79 1.74
CA ASP A 290 -5.40 26.85 2.42
C ASP A 290 -4.76 27.28 3.75
N VAL A 291 -4.33 26.31 4.55
CA VAL A 291 -3.75 26.60 5.84
C VAL A 291 -2.29 27.09 5.73
N PHE A 292 -1.69 26.91 4.56
CA PHE A 292 -0.30 27.37 4.36
C PHE A 292 -0.17 28.89 4.46
N TYR A 293 -1.20 29.61 4.03
CA TYR A 293 -1.08 31.06 3.87
C TYR A 293 -0.69 31.80 5.15
N ALA A 294 -1.42 31.54 6.23
CA ALA A 294 -1.17 32.24 7.49
C ALA A 294 0.18 31.81 8.06
N ALA A 295 0.50 30.53 7.90
CA ALA A 295 1.77 30.00 8.40
C ALA A 295 2.96 30.67 7.71
N VAL A 296 2.92 30.68 6.37
CA VAL A 296 3.97 31.38 5.61
C VAL A 296 4.04 32.87 5.89
N ARG A 297 2.89 33.53 5.99
CA ARG A 297 2.87 34.97 6.20
C ARG A 297 3.49 35.44 7.53
N SER A 298 3.65 34.51 8.46
CA SER A 298 4.36 34.82 9.68
C SER A 298 5.79 35.30 9.44
N TYR A 299 6.47 34.72 8.45
CA TYR A 299 7.84 35.14 8.11
C TYR A 299 7.97 35.82 6.73
N TRP A 300 6.96 35.63 5.88
CA TRP A 300 6.94 36.28 4.56
C TRP A 300 5.56 36.89 4.33
N PRO A 301 5.30 38.02 4.98
CA PRO A 301 3.94 38.58 4.92
C PRO A 301 3.50 38.97 3.51
N ALA A 302 4.46 39.20 2.60
CA ALA A 302 4.14 39.59 1.22
C ALA A 302 3.64 38.45 0.30
N LEU A 303 3.55 37.23 0.83
CA LEU A 303 2.94 36.14 0.06
C LEU A 303 1.59 36.58 -0.49
N PRO A 304 1.45 36.60 -1.83
CA PRO A 304 0.14 37.07 -2.37
C PRO A 304 -0.98 36.07 -2.24
N ASP A 305 -2.23 36.55 -2.17
CA ASP A 305 -3.38 35.64 -2.24
C ASP A 305 -3.30 34.76 -3.49
N GLY A 306 -3.65 33.49 -3.34
CA GLY A 306 -3.81 32.54 -4.44
C GLY A 306 -2.54 32.08 -5.08
N ALA A 307 -1.40 32.52 -4.54
CA ALA A 307 -0.10 32.26 -5.17
C ALA A 307 0.46 30.86 -4.95
N LEU A 308 -0.12 30.10 -4.03
CA LEU A 308 0.38 28.74 -3.77
C LEU A 308 -0.22 27.71 -4.73
N ALA A 309 0.50 27.45 -5.82
CA ALA A 309 0.04 26.57 -6.88
C ALA A 309 0.25 25.11 -6.51
N PRO A 310 -0.59 24.22 -7.06
CA PRO A 310 -0.44 22.80 -6.75
C PRO A 310 0.96 22.30 -7.11
N GLY A 311 1.56 21.58 -6.16
CA GLY A 311 2.90 21.05 -6.37
C GLY A 311 2.85 19.55 -6.56
N TYR A 312 3.17 18.84 -5.48
CA TYR A 312 3.28 17.39 -5.54
C TYR A 312 3.29 16.88 -4.10
N THR A 313 3.23 15.56 -3.95
CA THR A 313 3.22 14.93 -2.64
C THR A 313 4.34 13.92 -2.50
N GLY A 314 4.64 13.59 -1.25
CA GLY A 314 5.46 12.45 -0.92
C GLY A 314 4.86 11.76 0.29
N ILE A 315 5.34 10.56 0.59
CA ILE A 315 4.88 9.83 1.76
C ILE A 315 6.08 9.34 2.56
N ARG A 316 6.10 9.67 3.85
CA ARG A 316 7.19 9.28 4.73
C ARG A 316 6.97 7.87 5.28
N PRO A 317 8.05 7.06 5.33
CA PRO A 317 7.96 5.74 5.94
C PRO A 317 8.07 5.88 7.46
N LYS A 318 6.94 5.74 8.13
CA LYS A 318 6.91 5.90 9.57
C LYS A 318 6.92 4.53 10.23
N ILE A 319 7.62 4.44 11.35
CA ILE A 319 7.64 3.20 12.13
C ILE A 319 7.24 3.45 13.58
N SER A 320 6.76 4.66 13.82
CA SER A 320 6.08 5.02 15.08
C SER A 320 4.83 5.85 14.73
N GLY A 321 3.86 5.88 15.64
CA GLY A 321 2.55 6.47 15.33
C GLY A 321 2.42 7.96 15.59
N PRO A 322 1.24 8.52 15.27
CA PRO A 322 1.10 9.97 15.33
C PRO A 322 1.26 10.58 16.72
N HIS A 323 1.09 9.79 17.78
CA HIS A 323 1.25 10.35 19.12
C HIS A 323 2.52 9.95 19.84
N GLU A 324 3.44 9.37 19.09
CA GLU A 324 4.72 8.95 19.67
C GLU A 324 5.82 9.87 19.19
N PRO A 325 6.88 10.01 19.99
CA PRO A 325 8.02 10.78 19.51
C PRO A 325 8.59 10.09 18.28
N ALA A 326 9.23 10.86 17.39
CA ALA A 326 9.70 10.29 16.14
C ALA A 326 10.77 9.22 16.38
N ALA A 327 10.63 8.11 15.67
CA ALA A 327 11.60 7.01 15.75
C ALA A 327 12.87 7.39 14.99
N ASP A 328 13.99 6.81 15.39
CA ASP A 328 15.25 6.99 14.67
C ASP A 328 15.16 6.17 13.38
N PHE A 329 16.12 6.37 12.47
CA PHE A 329 16.33 5.41 11.38
C PHE A 329 16.53 4.04 12.01
N ALA A 330 16.10 2.99 11.32
CA ALA A 330 16.37 1.63 11.77
C ALA A 330 17.16 0.89 10.70
N ILE A 331 18.35 0.43 11.06
CA ILE A 331 19.15 -0.40 10.16
C ILE A 331 19.40 -1.73 10.86
N ALA A 332 18.53 -2.70 10.59
CA ALA A 332 18.53 -3.95 11.35
C ALA A 332 19.31 -5.06 10.67
N GLY A 333 20.50 -5.35 11.21
CA GLY A 333 21.37 -6.39 10.69
C GLY A 333 21.29 -7.64 11.56
N PRO A 334 22.18 -8.61 11.32
CA PRO A 334 22.17 -9.89 12.06
C PRO A 334 22.24 -9.77 13.58
N ALA A 335 22.86 -8.71 14.09
CA ALA A 335 23.01 -8.53 15.53
C ALA A 335 21.70 -8.25 16.23
N SER A 336 20.67 -7.86 15.49
CA SER A 336 19.39 -7.60 16.14
C SER A 336 18.31 -8.61 15.79
N HIS A 337 18.29 -9.08 14.55
CA HIS A 337 17.25 -10.04 14.16
C HIS A 337 17.74 -11.48 14.03
N GLY A 338 19.07 -11.67 14.11
CA GLY A 338 19.64 -13.01 14.12
C GLY A 338 19.79 -13.69 12.78
N VAL A 339 19.44 -13.00 11.69
CA VAL A 339 19.53 -13.61 10.38
C VAL A 339 20.81 -13.23 9.64
N ALA A 340 21.72 -14.19 9.50
CA ALA A 340 22.94 -13.94 8.75
C ALA A 340 22.65 -13.47 7.32
N GLY A 341 23.34 -12.43 6.89
CA GLY A 341 23.25 -12.00 5.49
C GLY A 341 22.11 -11.04 5.15
N LEU A 342 21.37 -10.63 6.17
CA LEU A 342 20.19 -9.79 5.97
C LEU A 342 20.28 -8.43 6.67
N VAL A 343 20.00 -7.35 5.93
CA VAL A 343 19.80 -6.06 6.56
C VAL A 343 18.44 -5.52 6.11
N ASN A 344 17.60 -5.20 7.08
CA ASN A 344 16.33 -4.52 6.79
C ASN A 344 16.53 -3.06 7.14
N LEU A 345 16.12 -2.16 6.26
CA LEU A 345 16.14 -0.75 6.61
C LEU A 345 14.71 -0.26 6.80
N TYR A 346 14.41 0.30 7.96
CA TYR A 346 13.06 0.79 8.25
C TYR A 346 13.07 2.26 8.65
N GLY A 347 12.01 2.97 8.29
CA GLY A 347 11.84 4.35 8.76
C GLY A 347 12.89 5.33 8.25
N ILE A 348 13.33 5.13 7.01
CA ILE A 348 14.34 6.00 6.42
C ILE A 348 13.64 7.19 5.75
N GLU A 349 13.10 8.07 6.61
CA GLU A 349 12.42 9.28 6.19
C GLU A 349 13.50 10.36 6.13
N SER A 350 13.12 11.63 6.16
CA SER A 350 14.16 12.67 6.25
C SER A 350 15.02 12.47 7.51
N PRO A 351 16.34 12.67 7.41
CA PRO A 351 17.12 13.18 6.28
C PRO A 351 17.83 12.06 5.52
N GLY A 352 17.07 11.06 5.08
CA GLY A 352 17.62 9.90 4.39
C GLY A 352 18.39 10.20 3.13
N LEU A 353 17.98 11.23 2.38
CA LEU A 353 18.68 11.56 1.16
C LEU A 353 20.07 12.11 1.55
N THR A 354 20.07 13.01 2.52
CA THR A 354 21.33 13.61 2.97
C THR A 354 22.25 12.53 3.51
N ALA A 355 21.66 11.59 4.24
CA ALA A 355 22.44 10.56 4.94
C ALA A 355 22.82 9.39 4.04
N SER A 356 22.31 9.37 2.80
CA SER A 356 22.36 8.15 1.98
C SER A 356 23.71 7.42 1.92
N LEU A 357 24.81 8.15 1.68
CA LEU A 357 26.10 7.46 1.54
C LEU A 357 26.56 6.93 2.89
N ALA A 358 26.23 7.63 3.96
CA ALA A 358 26.53 7.16 5.29
C ALA A 358 25.65 5.98 5.70
N ILE A 359 24.40 5.98 5.26
CA ILE A 359 23.55 4.84 5.50
C ILE A 359 24.13 3.59 4.79
N ALA A 360 24.64 3.77 3.58
CA ALA A 360 25.33 2.68 2.87
C ALA A 360 26.51 2.17 3.70
N GLU A 361 27.35 3.06 4.21
CA GLU A 361 28.46 2.62 5.06
C GLU A 361 27.97 1.80 6.24
N GLU A 362 26.93 2.30 6.91
CA GLU A 362 26.42 1.67 8.12
C GLU A 362 25.76 0.31 7.85
N THR A 363 25.11 0.19 6.69
CA THR A 363 24.50 -1.07 6.31
C THR A 363 25.56 -2.15 6.12
N LEU A 364 26.64 -1.80 5.44
CA LEU A 364 27.72 -2.77 5.25
C LEU A 364 28.35 -3.14 6.59
N ALA A 365 28.50 -2.15 7.48
CA ALA A 365 29.11 -2.38 8.79
C ALA A 365 28.28 -3.33 9.63
N ARG A 366 26.96 -3.20 9.53
CA ARG A 366 26.00 -3.98 10.27
C ARG A 366 25.84 -5.38 9.65
N LEU A 367 25.91 -5.43 8.34
CA LEU A 367 25.81 -6.70 7.63
C LEU A 367 26.94 -7.59 8.11
N ALA A 368 28.07 -6.98 8.45
CA ALA A 368 29.21 -7.70 9.02
C ALA A 368 28.95 -8.07 10.49
N THR B 3 -16.34 2.40 25.19
CA THR B 3 -16.39 3.69 25.95
C THR B 3 -17.08 4.79 25.17
N ASP B 4 -16.39 5.40 24.22
CA ASP B 4 -17.03 6.40 23.39
C ASP B 4 -18.14 5.77 22.58
N ILE B 5 -17.85 4.56 22.15
CA ILE B 5 -18.51 3.93 21.04
C ILE B 5 -18.65 2.45 21.41
N ASP B 6 -19.82 1.83 21.22
CA ASP B 6 -19.93 0.37 21.44
C ASP B 6 -19.10 -0.40 20.40
N CYS B 7 -19.60 -0.48 19.15
CA CYS B 7 -18.92 -1.20 18.06
C CYS B 7 -18.34 -0.23 17.03
N ILE B 8 -17.06 -0.39 16.71
CA ILE B 8 -16.49 0.29 15.57
C ILE B 8 -16.10 -0.72 14.50
N VAL B 9 -16.58 -0.50 13.27
CA VAL B 9 -16.16 -1.30 12.12
C VAL B 9 -15.23 -0.47 11.26
N ILE B 10 -14.06 -1.02 10.93
CA ILE B 10 -13.11 -0.34 10.04
C ILE B 10 -13.27 -0.87 8.61
N GLY B 11 -13.78 -0.02 7.72
CA GLY B 11 -13.92 -0.38 6.31
C GLY B 11 -15.39 -0.39 5.92
N ALA B 12 -15.72 0.35 4.87
CA ALA B 12 -17.07 0.36 4.32
C ALA B 12 -17.14 -0.30 2.94
N GLY B 13 -16.42 -1.41 2.77
CA GLY B 13 -16.63 -2.29 1.61
C GLY B 13 -17.84 -3.16 1.84
N VAL B 14 -18.11 -4.09 0.92
CA VAL B 14 -19.30 -4.90 1.04
C VAL B 14 -19.29 -5.74 2.32
N VAL B 15 -18.11 -6.19 2.74
CA VAL B 15 -18.01 -7.05 3.93
C VAL B 15 -18.14 -6.22 5.22
N GLY B 16 -17.40 -5.12 5.30
CA GLY B 16 -17.57 -4.19 6.41
C GLY B 16 -19.01 -3.74 6.56
N LEU B 17 -19.67 -3.42 5.46
CA LEU B 17 -21.07 -3.00 5.55
C LEU B 17 -21.99 -4.15 5.99
N ALA B 18 -21.79 -5.35 5.47
CA ALA B 18 -22.61 -6.50 5.93
C ALA B 18 -22.47 -6.70 7.44
N ILE B 19 -21.24 -6.59 7.93
CA ILE B 19 -21.01 -6.75 9.38
C ILE B 19 -21.68 -5.62 10.18
N ALA B 20 -21.50 -4.38 9.72
CA ALA B 20 -22.13 -3.25 10.40
C ALA B 20 -23.65 -3.41 10.46
N ARG B 21 -24.23 -3.84 9.34
CA ARG B 21 -25.66 -4.12 9.26
C ARG B 21 -26.08 -5.18 10.30
N ALA B 22 -25.30 -6.25 10.39
CA ALA B 22 -25.61 -7.30 11.36
C ALA B 22 -25.48 -6.82 12.82
N LEU B 23 -24.41 -6.10 13.13
CA LEU B 23 -24.23 -5.63 14.49
C LEU B 23 -25.32 -4.64 14.85
N ALA B 24 -25.66 -3.74 13.92
CA ALA B 24 -26.71 -2.75 14.20
C ALA B 24 -28.07 -3.45 14.41
N ALA B 25 -28.34 -4.46 13.60
CA ALA B 25 -29.59 -5.21 13.71
C ALA B 25 -29.67 -5.91 15.06
N GLY B 26 -28.50 -6.34 15.56
CA GLY B 26 -28.37 -6.97 16.86
C GLY B 26 -28.45 -6.01 18.06
N GLY B 27 -28.68 -4.73 17.77
CA GLY B 27 -28.95 -3.75 18.82
C GLY B 27 -27.74 -2.94 19.23
N HIS B 28 -26.60 -3.18 18.60
CA HIS B 28 -25.39 -2.45 18.94
C HIS B 28 -25.37 -1.08 18.32
N GLU B 29 -24.94 -0.09 19.08
CA GLU B 29 -24.51 1.19 18.50
C GLU B 29 -23.26 0.91 17.65
N VAL B 30 -23.29 1.31 16.38
CA VAL B 30 -22.18 1.05 15.46
C VAL B 30 -21.69 2.34 14.79
N LEU B 31 -20.38 2.50 14.74
CA LEU B 31 -19.76 3.54 13.92
C LEU B 31 -18.90 2.83 12.90
N VAL B 32 -19.07 3.15 11.61
CA VAL B 32 -18.21 2.60 10.58
C VAL B 32 -17.27 3.69 10.16
N ALA B 33 -15.97 3.44 10.27
CA ALA B 33 -14.97 4.42 9.84
C ALA B 33 -14.33 3.98 8.52
N GLU B 34 -14.32 4.88 7.54
CA GLU B 34 -13.83 4.54 6.20
C GLU B 34 -12.83 5.61 5.79
N ALA B 35 -11.69 5.19 5.29
CA ALA B 35 -10.61 6.10 4.90
C ALA B 35 -10.95 6.91 3.66
N ALA B 36 -11.66 6.26 2.73
CA ALA B 36 -12.03 6.88 1.46
C ALA B 36 -13.21 7.85 1.58
N GLU B 37 -13.60 8.48 0.48
CA GLU B 37 -14.65 9.51 0.55
C GLU B 37 -16.07 8.95 0.57
N GLY B 38 -16.23 7.70 0.18
CA GLY B 38 -17.57 7.09 0.12
C GLY B 38 -17.50 5.59 0.30
N ILE B 39 -18.64 4.92 0.19
CA ILE B 39 -18.66 3.48 0.40
C ILE B 39 -18.13 2.74 -0.83
N GLY B 40 -17.60 1.54 -0.57
CA GLY B 40 -17.29 0.56 -1.63
C GLY B 40 -16.32 0.97 -2.71
N THR B 41 -15.41 1.87 -2.40
CA THR B 41 -14.43 2.33 -3.40
C THR B 41 -13.22 1.41 -3.52
N GLY B 42 -13.18 0.38 -2.67
CA GLY B 42 -12.05 -0.54 -2.65
C GLY B 42 -12.21 -1.74 -3.57
N THR B 43 -11.81 -2.91 -3.09
CA THR B 43 -11.93 -4.14 -3.90
C THR B 43 -13.40 -4.36 -4.27
N SER B 44 -14.29 -3.82 -3.46
CA SER B 44 -15.73 -3.97 -3.75
C SER B 44 -16.18 -3.24 -5.01
N SER B 45 -15.35 -2.36 -5.56
CA SER B 45 -15.67 -1.68 -6.84
C SER B 45 -14.91 -2.27 -8.04
N ARG B 46 -14.04 -3.24 -7.79
CA ARG B 46 -13.16 -3.78 -8.85
C ARG B 46 -13.19 -5.30 -8.92
N ASN B 47 -14.37 -5.87 -9.13
CA ASN B 47 -14.52 -7.31 -9.16
C ASN B 47 -15.43 -7.70 -10.31
N SER B 48 -15.69 -9.00 -10.46
CA SER B 48 -16.53 -9.54 -11.57
C SER B 48 -18.03 -9.41 -11.30
N GLU B 49 -18.40 -9.16 -10.05
CA GLU B 49 -19.80 -9.03 -9.65
C GLU B 49 -20.60 -10.33 -9.85
N VAL B 50 -19.91 -11.46 -9.73
CA VAL B 50 -20.55 -12.78 -9.89
C VAL B 50 -21.05 -13.36 -8.57
N ILE B 51 -22.32 -13.79 -8.55
CA ILE B 51 -22.85 -14.57 -7.45
C ILE B 51 -22.45 -16.04 -7.65
N HIS B 52 -21.44 -16.48 -6.91
CA HIS B 52 -20.87 -17.79 -7.15
C HIS B 52 -21.72 -18.88 -6.56
N ALA B 53 -21.72 -20.06 -7.21
CA ALA B 53 -22.51 -21.19 -6.76
C ALA B 53 -21.94 -21.92 -5.54
N GLY B 54 -20.61 -21.93 -5.41
CA GLY B 54 -19.98 -22.70 -4.34
C GLY B 54 -19.31 -23.99 -4.80
N ILE B 55 -18.82 -24.00 -6.03
CA ILE B 55 -18.45 -25.24 -6.71
C ILE B 55 -17.08 -25.80 -6.30
N TYR B 56 -16.04 -24.99 -6.41
CA TYR B 56 -14.71 -25.59 -6.36
C TYR B 56 -13.92 -25.38 -5.05
N TYR B 57 -14.51 -24.66 -4.09
CA TYR B 57 -13.80 -24.41 -2.82
C TYR B 57 -13.54 -25.68 -2.02
N PRO B 58 -12.43 -25.70 -1.26
CA PRO B 58 -12.12 -26.91 -0.50
C PRO B 58 -13.26 -27.31 0.44
N ALA B 59 -13.50 -28.61 0.58
CA ALA B 59 -14.57 -29.10 1.43
C ALA B 59 -14.40 -28.60 2.86
N ASP B 60 -15.50 -28.17 3.46
CA ASP B 60 -15.56 -27.67 4.83
C ASP B 60 -14.83 -26.34 5.08
N SER B 61 -14.29 -25.72 4.05
CA SER B 61 -13.64 -24.42 4.21
C SER B 61 -14.67 -23.34 4.47
N LEU B 62 -14.23 -22.19 4.97
CA LEU B 62 -15.13 -21.05 5.08
C LEU B 62 -15.58 -20.58 3.71
N LYS B 63 -14.69 -20.60 2.73
CA LYS B 63 -15.10 -20.21 1.37
C LYS B 63 -16.27 -21.08 0.90
N ALA B 64 -16.15 -22.39 1.11
CA ALA B 64 -17.24 -23.28 0.68
C ALA B 64 -18.53 -22.99 1.45
N ARG B 65 -18.45 -23.05 2.78
CA ARG B 65 -19.64 -22.93 3.62
C ARG B 65 -20.28 -21.56 3.45
N LEU B 66 -19.46 -20.51 3.45
CA LEU B 66 -20.05 -19.16 3.45
C LEU B 66 -20.50 -18.74 2.05
N CYS B 67 -19.86 -19.31 1.02
CA CYS B 67 -20.31 -19.04 -0.33
C CYS B 67 -21.70 -19.60 -0.52
N VAL B 68 -21.91 -20.85 -0.10
CA VAL B 68 -23.20 -21.49 -0.33
C VAL B 68 -24.31 -20.84 0.53
N ARG B 69 -24.05 -20.66 1.81
CA ARG B 69 -25.00 -19.97 2.68
C ARG B 69 -25.19 -18.54 2.20
N GLY B 70 -24.09 -17.87 1.87
CA GLY B 70 -24.16 -16.49 1.41
C GLY B 70 -25.01 -16.34 0.15
N LYS B 71 -24.83 -17.26 -0.80
CA LYS B 71 -25.61 -17.19 -2.04
C LYS B 71 -27.12 -17.20 -1.75
N HIS B 72 -27.55 -18.09 -0.88
CA HIS B 72 -28.99 -18.17 -0.58
C HIS B 72 -29.49 -16.90 0.09
N LEU B 73 -28.70 -16.39 1.05
CA LEU B 73 -29.10 -15.16 1.71
C LEU B 73 -29.11 -14.00 0.70
N LEU B 74 -28.12 -13.98 -0.20
CA LEU B 74 -27.99 -12.84 -1.11
C LEU B 74 -29.10 -12.80 -2.15
N TYR B 75 -29.42 -13.95 -2.74
CA TYR B 75 -30.51 -13.96 -3.71
C TYR B 75 -31.82 -13.49 -3.05
N GLU B 76 -32.05 -13.96 -1.83
CA GLU B 76 -33.26 -13.57 -1.10
C GLU B 76 -33.26 -12.08 -0.83
N TYR B 77 -32.13 -11.59 -0.33
CA TYR B 77 -31.97 -10.17 -0.06
C TYR B 77 -32.25 -9.34 -1.31
N CYS B 78 -31.66 -9.74 -2.43
CA CYS B 78 -31.79 -8.93 -3.64
C CYS B 78 -33.24 -8.88 -4.09
N ALA B 79 -33.92 -10.02 -4.03
CA ALA B 79 -35.31 -10.05 -4.47
C ALA B 79 -36.22 -9.28 -3.51
N ALA B 80 -35.93 -9.39 -2.22
CA ALA B 80 -36.74 -8.74 -1.20
C ALA B 80 -36.62 -7.22 -1.26
N ARG B 81 -35.42 -6.73 -1.60
CA ARG B 81 -35.14 -5.29 -1.56
C ARG B 81 -35.09 -4.58 -2.91
N GLY B 82 -35.12 -5.33 -3.99
CA GLY B 82 -35.04 -4.76 -5.33
C GLY B 82 -33.63 -4.40 -5.79
N VAL B 83 -32.61 -5.09 -5.24
CA VAL B 83 -31.26 -4.88 -5.72
C VAL B 83 -31.10 -5.58 -7.06
N PRO B 84 -30.69 -4.83 -8.12
CA PRO B 84 -30.56 -5.46 -9.44
C PRO B 84 -29.60 -6.65 -9.43
N HIS B 85 -30.04 -7.75 -10.04
CA HIS B 85 -29.25 -8.96 -10.14
C HIS B 85 -29.90 -9.84 -11.19
N GLN B 86 -29.15 -10.81 -11.68
CA GLN B 86 -29.66 -11.77 -12.67
C GLN B 86 -29.11 -13.17 -12.40
N ARG B 87 -30.01 -14.15 -12.29
CA ARG B 87 -29.56 -15.54 -12.21
C ARG B 87 -29.29 -16.08 -13.62
N LEU B 88 -28.20 -15.64 -14.24
CA LEU B 88 -27.92 -15.94 -15.66
C LEU B 88 -27.47 -17.36 -15.92
N GLY B 89 -26.84 -17.97 -14.92
CA GLY B 89 -26.27 -19.30 -15.10
C GLY B 89 -24.85 -19.21 -15.66
N LYS B 90 -24.15 -20.33 -15.62
CA LYS B 90 -22.75 -20.42 -16.01
C LYS B 90 -22.48 -21.77 -16.63
N LEU B 91 -21.60 -21.81 -17.61
CA LEU B 91 -21.06 -23.07 -18.08
C LEU B 91 -19.60 -23.19 -17.68
N ILE B 92 -19.22 -24.32 -17.10
CA ILE B 92 -17.79 -24.68 -16.96
C ILE B 92 -17.49 -25.55 -18.18
N VAL B 93 -16.55 -25.10 -19.02
CA VAL B 93 -16.37 -25.71 -20.32
C VAL B 93 -15.02 -26.42 -20.45
N ALA B 94 -15.06 -27.65 -20.94
CA ALA B 94 -13.86 -28.44 -21.17
C ALA B 94 -13.58 -28.36 -22.67
N THR B 95 -12.33 -28.06 -23.02
CA THR B 95 -11.94 -27.83 -24.41
C THR B 95 -10.97 -28.89 -24.92
N SER B 96 -10.93 -30.03 -24.22
CA SER B 96 -10.15 -31.16 -24.66
C SER B 96 -10.71 -32.41 -24.01
N ASP B 97 -10.33 -33.57 -24.55
CA ASP B 97 -10.74 -34.83 -23.99
C ASP B 97 -10.26 -34.96 -22.53
N ALA B 98 -9.05 -34.48 -22.25
CA ALA B 98 -8.53 -34.55 -20.89
C ALA B 98 -9.31 -33.65 -19.93
N GLU B 99 -9.66 -32.46 -20.39
CA GLU B 99 -10.43 -31.55 -19.54
C GLU B 99 -11.81 -32.12 -19.28
N ALA B 100 -12.40 -32.71 -20.31
CA ALA B 100 -13.72 -33.28 -20.17
C ALA B 100 -13.72 -34.39 -19.11
N SER B 101 -12.60 -35.09 -18.99
CA SER B 101 -12.49 -36.17 -18.01
C SER B 101 -12.42 -35.66 -16.57
N GLN B 102 -12.18 -34.37 -16.40
CA GLN B 102 -12.11 -33.75 -15.08
C GLN B 102 -13.47 -33.33 -14.52
N LEU B 103 -14.47 -33.22 -15.39
CA LEU B 103 -15.78 -32.65 -15.01
C LEU B 103 -16.52 -33.46 -13.94
N ASP B 104 -16.42 -34.79 -13.99
CA ASP B 104 -17.09 -35.61 -12.98
C ASP B 104 -16.65 -35.28 -11.55
N SER B 105 -15.34 -35.13 -11.34
CA SER B 105 -14.79 -34.84 -10.02
C SER B 105 -15.15 -33.41 -9.59
N ILE B 106 -15.24 -32.51 -10.55
CA ILE B 106 -15.66 -31.14 -10.23
C ILE B 106 -17.11 -31.17 -9.70
N ALA B 107 -17.96 -31.92 -10.37
CA ALA B 107 -19.36 -32.06 -9.97
C ALA B 107 -19.48 -32.73 -8.59
N ARG B 108 -18.60 -33.68 -8.31
CA ARG B 108 -18.61 -34.36 -7.02
C ARG B 108 -18.25 -33.40 -5.89
N ARG B 109 -17.24 -32.57 -6.14
CA ARG B 109 -16.85 -31.54 -5.17
C ARG B 109 -18.00 -30.58 -4.90
N ALA B 110 -18.61 -30.07 -5.97
CA ALA B 110 -19.79 -29.21 -5.84
C ALA B 110 -20.85 -29.87 -4.98
N GLY B 111 -21.17 -31.13 -5.27
CA GLY B 111 -22.20 -31.82 -4.51
C GLY B 111 -21.88 -31.87 -3.04
N ALA B 112 -20.61 -32.09 -2.72
CA ALA B 112 -20.15 -32.21 -1.34
C ALA B 112 -20.29 -30.87 -0.62
N ASN B 113 -20.20 -29.78 -1.39
CA ASN B 113 -20.34 -28.43 -0.85
C ASN B 113 -21.80 -28.00 -0.74
N GLY B 114 -22.70 -28.84 -1.23
CA GLY B 114 -24.13 -28.55 -1.17
C GLY B 114 -24.64 -27.85 -2.41
N VAL B 115 -23.96 -28.09 -3.53
CA VAL B 115 -24.38 -27.55 -4.81
C VAL B 115 -24.81 -28.74 -5.64
N ASP B 116 -26.12 -28.95 -5.73
CA ASP B 116 -26.63 -30.20 -6.23
C ASP B 116 -27.19 -30.10 -7.63
N ASP B 117 -27.15 -28.91 -8.23
CA ASP B 117 -27.85 -28.64 -9.48
C ASP B 117 -26.99 -28.56 -10.76
N LEU B 118 -25.76 -29.07 -10.72
CA LEU B 118 -24.93 -28.99 -11.91
C LEU B 118 -25.40 -30.03 -12.92
N GLN B 119 -25.40 -29.65 -14.19
CA GLN B 119 -25.75 -30.58 -15.27
C GLN B 119 -24.52 -30.90 -16.10
N HIS B 120 -24.21 -32.19 -16.21
CA HIS B 120 -23.10 -32.62 -17.02
C HIS B 120 -23.61 -32.94 -18.43
N ILE B 121 -23.15 -32.18 -19.43
CA ILE B 121 -23.61 -32.34 -20.81
C ILE B 121 -22.46 -32.41 -21.81
N ASP B 122 -22.76 -32.89 -23.02
CA ASP B 122 -21.75 -32.90 -24.10
C ASP B 122 -21.67 -31.59 -24.89
N GLY B 123 -20.69 -31.51 -25.78
CA GLY B 123 -20.44 -30.28 -26.53
C GLY B 123 -21.60 -29.81 -27.41
N ALA B 124 -22.31 -30.75 -28.03
CA ALA B 124 -23.44 -30.40 -28.87
C ALA B 124 -24.53 -29.81 -28.02
N ALA B 125 -24.78 -30.45 -26.88
CA ALA B 125 -25.77 -29.97 -25.94
C ALA B 125 -25.39 -28.56 -25.49
N ALA B 126 -24.11 -28.37 -25.22
CA ALA B 126 -23.62 -27.08 -24.78
C ALA B 126 -23.82 -26.00 -25.86
N ARG B 127 -23.56 -26.37 -27.10
CA ARG B 127 -23.80 -25.49 -28.26
C ARG B 127 -25.28 -25.12 -28.47
N ARG B 128 -26.19 -26.02 -28.10
CA ARG B 128 -27.60 -25.68 -28.17
C ARG B 128 -27.92 -24.56 -27.20
N LEU B 129 -27.28 -24.57 -26.03
CA LEU B 129 -27.48 -23.51 -25.05
C LEU B 129 -26.77 -22.24 -25.48
N GLU B 130 -25.56 -22.41 -26.00
CA GLU B 130 -24.70 -21.31 -26.39
C GLU B 130 -24.09 -21.57 -27.77
N PRO B 131 -24.77 -21.10 -28.84
CA PRO B 131 -24.43 -21.38 -30.23
C PRO B 131 -23.00 -21.02 -30.64
N ALA B 132 -22.34 -20.11 -29.92
CA ALA B 132 -20.98 -19.69 -30.28
C ALA B 132 -19.87 -20.49 -29.58
N LEU B 133 -20.27 -21.43 -28.72
CA LEU B 133 -19.33 -22.20 -27.91
C LEU B 133 -18.71 -23.38 -28.65
N HIS B 134 -17.42 -23.58 -28.43
CA HIS B 134 -16.70 -24.74 -28.94
C HIS B 134 -16.13 -25.48 -27.73
N CYS B 135 -16.70 -26.62 -27.38
CA CYS B 135 -16.18 -27.40 -26.27
C CYS B 135 -16.47 -28.87 -26.47
N THR B 136 -15.82 -29.69 -25.67
CA THR B 136 -15.97 -31.13 -25.69
C THR B 136 -17.11 -31.58 -24.78
N ALA B 137 -17.26 -30.87 -23.67
CA ALA B 137 -18.33 -31.15 -22.70
C ALA B 137 -18.40 -29.98 -21.74
N ALA B 138 -19.44 -29.94 -20.92
CA ALA B 138 -19.55 -28.85 -19.97
C ALA B 138 -20.36 -29.24 -18.74
N LEU B 139 -20.19 -28.45 -17.67
CA LEU B 139 -21.12 -28.47 -16.56
C LEU B 139 -21.91 -27.17 -16.58
N VAL B 140 -23.25 -27.30 -16.52
CA VAL B 140 -24.12 -26.14 -16.38
C VAL B 140 -24.33 -25.89 -14.89
N SER B 141 -24.12 -24.64 -14.48
CA SER B 141 -24.36 -24.19 -13.09
C SER B 141 -25.48 -23.16 -13.10
N PRO B 142 -26.72 -23.63 -12.94
CA PRO B 142 -27.83 -22.72 -13.11
C PRO B 142 -27.99 -21.68 -12.01
N SER B 143 -27.39 -21.89 -10.84
CA SER B 143 -27.60 -20.96 -9.72
C SER B 143 -26.59 -19.80 -9.72
N THR B 144 -25.60 -19.89 -10.60
CA THR B 144 -24.61 -18.81 -10.72
C THR B 144 -25.28 -17.56 -11.29
N GLY B 145 -24.97 -16.40 -10.73
CA GLY B 145 -25.59 -15.16 -11.21
C GLY B 145 -24.65 -13.97 -11.17
N ILE B 146 -25.24 -12.78 -11.34
CA ILE B 146 -24.48 -11.53 -11.25
C ILE B 146 -25.29 -10.53 -10.44
N VAL B 147 -24.61 -9.60 -9.80
CA VAL B 147 -25.28 -8.63 -8.94
C VAL B 147 -24.70 -7.22 -9.14
N ASP B 148 -25.56 -6.21 -8.98
CA ASP B 148 -25.16 -4.80 -8.93
C ASP B 148 -24.55 -4.55 -7.54
N SER B 149 -23.22 -4.65 -7.45
CA SER B 149 -22.58 -4.57 -6.12
C SER B 149 -22.66 -3.18 -5.47
N HIS B 150 -22.64 -2.12 -6.28
CA HIS B 150 -22.83 -0.79 -5.69
C HIS B 150 -24.22 -0.62 -5.08
N ALA B 151 -25.27 -1.03 -5.79
CA ALA B 151 -26.60 -0.98 -5.23
C ALA B 151 -26.69 -1.86 -3.99
N LEU B 152 -26.04 -3.03 -4.03
CA LEU B 152 -26.05 -3.92 -2.87
C LEU B 152 -25.47 -3.22 -1.63
N MET B 153 -24.35 -2.55 -1.80
CA MET B 153 -23.68 -1.88 -0.68
C MET B 153 -24.53 -0.73 -0.18
N LEU B 154 -25.17 0.01 -1.07
CA LEU B 154 -26.05 1.10 -0.65
C LEU B 154 -27.21 0.55 0.18
N ALA B 155 -27.73 -0.61 -0.23
CA ALA B 155 -28.79 -1.28 0.50
C ALA B 155 -28.33 -1.71 1.89
N TYR B 156 -27.14 -2.28 1.99
CA TYR B 156 -26.60 -2.67 3.29
C TYR B 156 -26.46 -1.43 4.16
N GLN B 157 -25.92 -0.34 3.59
CA GLN B 157 -25.72 0.89 4.35
C GLN B 157 -27.06 1.39 4.88
N GLY B 158 -28.08 1.40 4.02
CA GLY B 158 -29.42 1.86 4.42
C GLY B 158 -29.97 1.07 5.59
N ASP B 159 -29.77 -0.24 5.55
CA ASP B 159 -30.22 -1.10 6.63
C ASP B 159 -29.52 -0.74 7.94
N ALA B 160 -28.18 -0.67 7.91
CA ALA B 160 -27.43 -0.33 9.11
C ALA B 160 -27.86 1.01 9.70
N GLU B 161 -28.01 2.01 8.83
CA GLU B 161 -28.47 3.34 9.25
C GLU B 161 -29.87 3.33 9.85
N SER B 162 -30.73 2.47 9.33
CA SER B 162 -32.09 2.34 9.88
C SER B 162 -32.04 1.85 11.32
N ASP B 163 -31.01 1.07 11.64
CA ASP B 163 -30.80 0.58 13.01
C ASP B 163 -29.77 1.42 13.79
N GLY B 164 -29.62 2.70 13.42
CA GLY B 164 -28.86 3.63 14.25
C GLY B 164 -27.40 3.79 13.88
N ALA B 165 -26.94 3.02 12.90
CA ALA B 165 -25.51 3.05 12.60
C ALA B 165 -25.10 4.39 11.99
N GLN B 166 -23.87 4.81 12.29
CA GLN B 166 -23.32 6.02 11.64
C GLN B 166 -22.10 5.65 10.82
N LEU B 167 -21.96 6.24 9.65
CA LEU B 167 -20.78 6.02 8.83
C LEU B 167 -20.02 7.33 8.73
N VAL B 168 -18.70 7.28 8.90
CA VAL B 168 -17.87 8.48 8.71
C VAL B 168 -16.79 8.23 7.67
N PHE B 169 -16.66 9.17 6.74
CA PHE B 169 -15.74 8.98 5.62
C PHE B 169 -14.51 9.89 5.78
N HIS B 170 -13.49 9.64 4.95
CA HIS B 170 -12.22 10.35 5.07
C HIS B 170 -11.74 10.33 6.51
N THR B 171 -11.86 9.16 7.12
CA THR B 171 -11.55 8.98 8.53
C THR B 171 -10.72 7.70 8.69
N PRO B 172 -9.46 7.76 8.29
CA PRO B 172 -8.58 6.59 8.36
C PRO B 172 -8.17 6.25 9.81
N LEU B 173 -8.22 4.97 10.15
CA LEU B 173 -7.64 4.51 11.41
C LEU B 173 -6.14 4.42 11.20
N ILE B 174 -5.38 5.17 12.03
CA ILE B 174 -3.93 5.22 11.86
C ILE B 174 -3.21 4.28 12.78
N ALA B 175 -3.59 4.31 14.06
CA ALA B 175 -2.97 3.43 15.05
C ALA B 175 -3.99 3.15 16.14
N GLY B 176 -3.76 2.12 16.92
CA GLY B 176 -4.62 1.87 18.06
C GLY B 176 -3.94 1.03 19.09
N ARG B 177 -4.68 0.71 20.15
CA ARG B 177 -4.18 -0.20 21.17
C ARG B 177 -5.33 -0.96 21.81
N VAL B 178 -5.08 -2.20 22.17
CA VAL B 178 -5.99 -2.99 22.99
C VAL B 178 -5.84 -2.50 24.43
N ARG B 179 -6.93 -2.11 25.08
CA ARG B 179 -6.88 -1.73 26.49
C ARG B 179 -6.82 -2.99 27.33
N PRO B 180 -5.92 -3.04 28.31
CA PRO B 180 -5.80 -4.27 29.06
C PRO B 180 -7.11 -4.65 29.76
N GLU B 181 -7.89 -3.65 30.16
CA GLU B 181 -9.16 -3.93 30.86
C GLU B 181 -10.27 -4.32 29.91
N GLY B 182 -9.98 -4.36 28.61
CA GLY B 182 -11.01 -4.64 27.61
C GLY B 182 -11.32 -3.42 26.78
N GLY B 183 -11.74 -3.64 25.52
CA GLY B 183 -12.00 -2.54 24.60
C GLY B 183 -10.73 -2.04 23.94
N PHE B 184 -10.84 -0.91 23.23
CA PHE B 184 -9.77 -0.41 22.37
C PHE B 184 -9.72 1.10 22.39
N GLU B 185 -8.53 1.65 22.16
CA GLU B 185 -8.36 3.08 21.97
C GLU B 185 -7.74 3.25 20.58
N LEU B 186 -8.36 4.11 19.78
CA LEU B 186 -8.07 4.21 18.35
C LEU B 186 -7.76 5.63 17.92
N ASP B 187 -6.67 5.81 17.17
CA ASP B 187 -6.26 7.12 16.69
C ASP B 187 -6.63 7.28 15.23
N PHE B 188 -7.61 8.15 14.95
CA PHE B 188 -8.06 8.40 13.58
C PHE B 188 -7.48 9.68 12.97
N GLY B 189 -7.27 9.65 11.66
CA GLY B 189 -6.80 10.83 10.94
C GLY B 189 -7.96 11.53 10.28
N GLY B 190 -7.68 12.27 9.22
CA GLY B 190 -8.72 13.03 8.52
C GLY B 190 -8.61 14.50 8.87
N ALA B 191 -9.58 15.28 8.40
CA ALA B 191 -9.58 16.73 8.61
C ALA B 191 -9.43 17.08 10.09
N GLU B 192 -10.17 16.39 10.94
CA GLU B 192 -10.01 16.57 12.39
C GLU B 192 -9.66 15.27 13.09
N PRO B 193 -8.35 15.01 13.23
CA PRO B 193 -7.92 13.78 13.88
C PRO B 193 -8.54 13.69 15.26
N MET B 194 -8.86 12.46 15.67
CA MET B 194 -9.50 12.26 16.97
C MET B 194 -9.12 10.88 17.46
N THR B 195 -9.21 10.69 18.78
CA THR B 195 -9.05 9.39 19.39
C THR B 195 -10.41 8.99 19.94
N LEU B 196 -10.83 7.76 19.67
CA LEU B 196 -12.06 7.21 20.21
C LEU B 196 -11.76 5.89 20.88
N SER B 197 -12.54 5.57 21.93
CA SER B 197 -12.51 4.22 22.52
C SER B 197 -13.80 3.47 22.14
N CYS B 198 -13.71 2.15 22.09
CA CYS B 198 -14.87 1.30 21.80
C CYS B 198 -14.74 -0.03 22.53
N ARG B 199 -15.85 -0.77 22.58
CA ARG B 199 -15.87 -2.07 23.23
C ARG B 199 -15.53 -3.19 22.25
N VAL B 200 -15.99 -3.02 21.02
CA VAL B 200 -15.84 -4.05 19.98
C VAL B 200 -15.20 -3.41 18.76
N LEU B 201 -14.21 -4.09 18.19
CA LEU B 201 -13.51 -3.59 16.99
C LEU B 201 -13.54 -4.67 15.92
N ILE B 202 -14.06 -4.32 14.75
CA ILE B 202 -14.06 -5.21 13.61
C ILE B 202 -13.12 -4.64 12.57
N ASN B 203 -12.07 -5.38 12.26
CA ASN B 203 -11.12 -4.95 11.24
C ASN B 203 -11.51 -5.57 9.90
N ALA B 204 -12.17 -4.78 9.06
CA ALA B 204 -12.62 -5.26 7.78
C ALA B 204 -11.94 -4.45 6.69
N ALA B 205 -10.64 -4.21 6.90
CA ALA B 205 -9.91 -3.26 6.07
C ALA B 205 -9.38 -3.80 4.73
N GLY B 206 -9.79 -5.02 4.37
CA GLY B 206 -9.51 -5.54 3.03
C GLY B 206 -8.04 -5.79 2.73
N LEU B 207 -7.57 -5.21 1.64
CA LEU B 207 -6.16 -5.32 1.26
C LEU B 207 -5.22 -4.95 2.41
N HIS B 208 -5.68 -4.09 3.31
CA HIS B 208 -4.81 -3.57 4.37
C HIS B 208 -5.12 -4.15 5.74
N ALA B 209 -5.96 -5.18 5.80
CA ALA B 209 -6.34 -5.69 7.12
C ALA B 209 -5.16 -6.23 7.95
N PRO B 210 -4.25 -7.00 7.33
CA PRO B 210 -3.15 -7.52 8.15
C PRO B 210 -2.23 -6.39 8.62
N GLY B 211 -1.87 -5.48 7.71
CA GLY B 211 -1.05 -4.32 8.07
C GLY B 211 -1.67 -3.48 9.16
N LEU B 212 -2.98 -3.33 9.10
CA LEU B 212 -3.69 -2.55 10.10
C LEU B 212 -3.66 -3.25 11.46
N ALA B 213 -3.84 -4.57 11.45
CA ALA B 213 -3.76 -5.33 12.70
C ALA B 213 -2.38 -5.12 13.36
N ARG B 214 -1.36 -5.07 12.53
CA ARG B 214 -0.02 -4.84 13.05
C ARG B 214 0.17 -3.44 13.66
N ARG B 215 -0.68 -2.52 13.27
CA ARG B 215 -0.68 -1.16 13.82
C ARG B 215 -1.55 -1.02 15.07
N ILE B 216 -2.11 -2.13 15.55
CA ILE B 216 -2.87 -2.09 16.79
C ILE B 216 -2.07 -2.77 17.88
N GLU B 217 -1.54 -2.01 18.83
CA GLU B 217 -0.72 -2.61 19.88
C GLU B 217 -1.60 -3.56 20.70
N GLY B 218 -1.10 -4.76 20.97
CA GLY B 218 -1.86 -5.72 21.76
C GLY B 218 -2.43 -6.85 20.94
N ILE B 219 -2.52 -6.69 19.62
CA ILE B 219 -2.90 -7.82 18.79
C ILE B 219 -1.66 -8.70 18.58
N PRO B 220 -1.70 -9.97 19.03
CA PRO B 220 -0.49 -10.82 18.95
C PRO B 220 0.10 -10.85 17.55
N ARG B 221 1.37 -10.48 17.44
CA ARG B 221 2.02 -10.39 16.14
C ARG B 221 2.11 -11.72 15.40
N ASP B 222 2.24 -12.82 16.14
CA ASP B 222 2.33 -14.11 15.47
C ASP B 222 1.00 -14.52 14.82
N SER B 223 -0.10 -13.91 15.27
CA SER B 223 -1.47 -14.21 14.81
C SER B 223 -1.74 -13.60 13.43
N ILE B 224 -0.93 -12.62 13.04
CA ILE B 224 -1.28 -11.77 11.89
C ILE B 224 -0.55 -12.27 10.65
N PRO B 225 -1.31 -12.62 9.59
CA PRO B 225 -0.63 -13.17 8.42
C PRO B 225 0.08 -12.08 7.61
N PRO B 226 0.98 -12.48 6.69
CA PRO B 226 1.60 -11.53 5.77
C PRO B 226 0.52 -10.97 4.86
N GLU B 227 0.78 -9.79 4.30
CA GLU B 227 -0.19 -9.11 3.46
C GLU B 227 0.36 -9.11 2.03
N TYR B 228 -0.25 -9.90 1.14
CA TYR B 228 0.18 -9.94 -0.25
C TYR B 228 -0.89 -9.29 -1.13
N LEU B 229 -0.50 -8.99 -2.37
CA LEU B 229 -1.40 -8.34 -3.31
C LEU B 229 -1.36 -9.10 -4.62
N CYS B 230 -2.54 -9.52 -5.10
CA CYS B 230 -2.57 -10.24 -6.36
C CYS B 230 -3.55 -9.56 -7.29
N LYS B 231 -3.01 -8.77 -8.21
CA LYS B 231 -3.81 -7.97 -9.12
C LYS B 231 -4.42 -8.82 -10.23
N GLY B 232 -5.54 -8.34 -10.78
CA GLY B 232 -6.20 -9.02 -11.88
C GLY B 232 -6.66 -7.96 -12.85
N SER B 233 -6.43 -8.19 -14.14
CA SER B 233 -6.85 -7.27 -15.19
C SER B 233 -8.02 -7.81 -16.01
N TYR B 234 -8.93 -6.91 -16.40
CA TYR B 234 -10.08 -7.25 -17.23
C TYR B 234 -10.04 -6.48 -18.53
N PHE B 235 -10.55 -7.09 -19.59
CA PHE B 235 -10.70 -6.42 -20.87
C PHE B 235 -12.14 -6.56 -21.34
N THR B 236 -12.65 -5.54 -22.02
CA THR B 236 -14.06 -5.55 -22.35
C THR B 236 -14.27 -5.83 -23.83
N LEU B 237 -15.48 -6.26 -24.16
CA LEU B 237 -15.85 -6.50 -25.55
C LEU B 237 -16.96 -5.52 -25.94
N ALA B 238 -16.66 -4.59 -26.84
CA ALA B 238 -17.66 -3.65 -27.32
C ALA B 238 -18.75 -4.38 -28.08
N GLY B 239 -19.97 -3.86 -27.97
CA GLY B 239 -21.08 -4.43 -28.71
C GLY B 239 -21.71 -5.70 -28.18
N ARG B 240 -22.31 -6.47 -29.09
CA ARG B 240 -23.07 -7.66 -28.72
C ARG B 240 -22.23 -8.74 -28.06
N ALA B 241 -22.63 -9.21 -26.88
CA ALA B 241 -21.93 -10.31 -26.24
C ALA B 241 -22.22 -11.64 -26.95
N PRO B 242 -21.21 -12.52 -27.05
CA PRO B 242 -21.39 -13.77 -27.77
C PRO B 242 -22.17 -14.84 -27.02
N PHE B 243 -22.26 -14.71 -25.69
CA PHE B 243 -22.85 -15.74 -24.85
C PHE B 243 -23.88 -15.12 -23.92
N SER B 244 -24.84 -15.93 -23.47
CA SER B 244 -25.90 -15.44 -22.59
C SER B 244 -25.68 -15.93 -21.15
N ARG B 245 -24.68 -16.78 -20.96
CA ARG B 245 -24.31 -17.25 -19.61
C ARG B 245 -22.86 -16.91 -19.40
N LEU B 246 -22.41 -16.98 -18.15
CA LEU B 246 -20.97 -16.86 -17.90
C LEU B 246 -20.26 -18.11 -18.41
N ILE B 247 -19.01 -17.95 -18.85
CA ILE B 247 -18.25 -19.09 -19.34
C ILE B 247 -16.93 -19.16 -18.60
N TYR B 248 -16.69 -20.27 -17.92
CA TYR B 248 -15.43 -20.49 -17.22
C TYR B 248 -14.75 -21.73 -17.77
N PRO B 249 -13.46 -21.64 -18.09
CA PRO B 249 -12.74 -22.86 -18.42
C PRO B 249 -12.55 -23.70 -17.16
N VAL B 250 -12.18 -24.97 -17.29
CA VAL B 250 -12.01 -25.79 -16.10
C VAL B 250 -10.83 -25.26 -15.29
N PRO B 251 -10.85 -25.44 -13.97
CA PRO B 251 -9.79 -24.94 -13.09
C PRO B 251 -8.42 -25.37 -13.56
N GLN B 252 -8.26 -26.67 -13.80
CA GLN B 252 -6.94 -27.19 -14.12
C GLN B 252 -6.58 -26.90 -15.57
N HIS B 253 -7.28 -25.94 -16.18
CA HIS B 253 -6.93 -25.53 -17.54
C HIS B 253 -5.49 -25.06 -17.53
N ALA B 254 -4.75 -25.48 -18.56
CA ALA B 254 -3.32 -25.21 -18.66
C ALA B 254 -3.02 -23.75 -18.94
N GLY B 255 -2.20 -23.16 -18.08
CA GLY B 255 -1.80 -21.76 -18.22
C GLY B 255 -2.88 -20.83 -17.71
N LEU B 256 -3.11 -19.76 -18.45
CA LEU B 256 -4.10 -18.78 -18.05
C LEU B 256 -5.51 -19.26 -18.41
N GLY B 257 -6.41 -19.23 -17.44
CA GLY B 257 -7.82 -19.49 -17.72
C GLY B 257 -8.51 -18.16 -17.73
N VAL B 258 -9.13 -17.80 -18.86
CA VAL B 258 -9.82 -16.53 -18.95
C VAL B 258 -11.34 -16.71 -18.81
N HIS B 259 -11.93 -16.09 -17.79
CA HIS B 259 -13.37 -16.15 -17.62
C HIS B 259 -14.03 -15.16 -18.56
N LEU B 260 -15.21 -15.50 -19.09
CA LEU B 260 -16.01 -14.54 -19.82
C LEU B 260 -17.23 -14.27 -18.96
N THR B 261 -17.35 -13.05 -18.46
CA THR B 261 -18.51 -12.74 -17.67
C THR B 261 -19.32 -11.61 -18.30
N LEU B 262 -20.52 -11.41 -17.76
CA LEU B 262 -21.45 -10.44 -18.32
C LEU B 262 -21.81 -9.46 -17.24
N ASP B 263 -22.07 -8.21 -17.61
CA ASP B 263 -22.61 -7.25 -16.64
C ASP B 263 -24.14 -7.18 -16.81
N LEU B 264 -24.81 -6.40 -15.96
CA LEU B 264 -26.28 -6.42 -16.00
C LEU B 264 -26.82 -5.78 -17.26
N GLY B 265 -26.01 -4.94 -17.89
CA GLY B 265 -26.36 -4.35 -19.18
C GLY B 265 -26.17 -5.27 -20.37
N GLY B 266 -25.64 -6.47 -20.13
CA GLY B 266 -25.42 -7.45 -21.19
C GLY B 266 -24.07 -7.42 -21.90
N GLN B 267 -23.17 -6.56 -21.44
CA GLN B 267 -21.84 -6.47 -22.07
C GLN B 267 -20.87 -7.50 -21.51
N ALA B 268 -20.05 -8.10 -22.37
CA ALA B 268 -19.10 -9.13 -21.95
C ALA B 268 -17.76 -8.53 -21.51
N LYS B 269 -17.12 -9.19 -20.57
CA LYS B 269 -15.74 -8.83 -20.24
C LYS B 269 -14.96 -10.09 -19.98
N PHE B 270 -13.66 -9.97 -20.12
CA PHE B 270 -12.79 -11.12 -20.04
C PHE B 270 -11.80 -10.90 -18.92
N GLY B 271 -11.56 -11.95 -18.14
CA GLY B 271 -10.63 -11.84 -17.01
C GLY B 271 -11.30 -12.23 -15.72
N PRO B 272 -10.63 -12.01 -14.59
CA PRO B 272 -9.35 -11.32 -14.47
C PRO B 272 -8.17 -12.26 -14.58
N ASP B 273 -7.00 -11.72 -14.94
CA ASP B 273 -5.78 -12.52 -14.91
C ASP B 273 -5.15 -12.50 -13.51
N THR B 274 -3.91 -12.95 -13.39
CA THR B 274 -3.24 -12.98 -12.08
C THR B 274 -1.84 -12.40 -12.18
N GLU B 275 -1.55 -11.45 -11.30
CA GLU B 275 -0.27 -10.73 -11.35
C GLU B 275 0.06 -10.31 -9.92
N TRP B 276 1.08 -10.92 -9.31
CA TRP B 276 1.42 -10.57 -7.95
C TRP B 276 2.25 -9.29 -7.96
N ILE B 277 1.89 -8.33 -7.13
CA ILE B 277 2.52 -7.01 -7.17
C ILE B 277 2.92 -6.53 -5.78
N ALA B 278 3.74 -5.48 -5.76
CA ALA B 278 4.36 -4.98 -4.54
C ALA B 278 3.59 -3.88 -3.86
N THR B 279 2.84 -3.11 -4.64
CA THR B 279 2.16 -1.93 -4.16
C THR B 279 0.78 -1.86 -4.78
N GLU B 280 -0.09 -1.05 -4.20
CA GLU B 280 -1.47 -0.94 -4.65
C GLU B 280 -1.54 -0.01 -5.87
N ASP B 281 -1.40 -0.58 -7.06
CA ASP B 281 -1.39 0.17 -8.30
C ASP B 281 -2.46 -0.40 -9.23
N TYR B 282 -3.47 0.41 -9.55
CA TYR B 282 -4.59 -0.07 -10.40
C TYR B 282 -4.42 0.25 -11.88
N THR B 283 -3.29 0.82 -12.25
CA THR B 283 -3.05 1.15 -13.65
C THR B 283 -3.23 -0.07 -14.55
N LEU B 284 -4.07 0.07 -15.58
CA LEU B 284 -4.28 -1.01 -16.55
C LEU B 284 -3.17 -1.03 -17.61
N ASP B 285 -2.55 -2.19 -17.80
CA ASP B 285 -1.57 -2.36 -18.86
C ASP B 285 -2.19 -3.14 -20.02
N PRO B 286 -2.49 -2.44 -21.12
CA PRO B 286 -3.20 -3.05 -22.25
C PRO B 286 -2.43 -4.23 -22.85
N ARG B 287 -1.11 -4.27 -22.64
CA ARG B 287 -0.29 -5.37 -23.17
C ARG B 287 -0.69 -6.73 -22.59
N ARG B 288 -1.31 -6.70 -21.42
CA ARG B 288 -1.69 -7.92 -20.72
C ARG B 288 -2.82 -8.68 -21.44
N ALA B 289 -3.52 -8.01 -22.36
CA ALA B 289 -4.54 -8.66 -23.18
C ALA B 289 -3.96 -9.64 -24.20
N ASP B 290 -2.69 -9.47 -24.55
CA ASP B 290 -2.15 -10.22 -25.66
C ASP B 290 -2.33 -11.72 -25.46
N VAL B 291 -2.03 -12.20 -24.24
CA VAL B 291 -2.14 -13.63 -23.96
C VAL B 291 -3.59 -14.12 -23.79
N PHE B 292 -4.54 -13.20 -23.64
CA PHE B 292 -5.95 -13.57 -23.48
C PHE B 292 -6.48 -14.25 -24.76
N TYR B 293 -6.01 -13.78 -25.92
CA TYR B 293 -6.60 -14.23 -27.19
C TYR B 293 -6.58 -15.74 -27.35
N ALA B 294 -5.42 -16.34 -27.17
CA ALA B 294 -5.32 -17.79 -27.32
C ALA B 294 -6.15 -18.54 -26.27
N ALA B 295 -6.19 -18.00 -25.05
CA ALA B 295 -6.91 -18.62 -23.95
C ALA B 295 -8.42 -18.57 -24.22
N VAL B 296 -8.89 -17.41 -24.64
CA VAL B 296 -10.33 -17.27 -24.90
C VAL B 296 -10.73 -18.15 -26.10
N ARG B 297 -9.87 -18.18 -27.13
CA ARG B 297 -10.21 -18.92 -28.34
C ARG B 297 -10.29 -20.43 -28.16
N SER B 298 -9.81 -20.95 -27.02
CA SER B 298 -9.97 -22.38 -26.76
C SER B 298 -11.47 -22.73 -26.75
N TYR B 299 -12.29 -21.83 -26.23
CA TYR B 299 -13.75 -22.05 -26.17
C TYR B 299 -14.60 -21.11 -27.04
N TRP B 300 -14.03 -19.96 -27.42
CA TRP B 300 -14.69 -19.05 -28.34
C TRP B 300 -13.72 -18.71 -29.48
N PRO B 301 -13.53 -19.67 -30.38
CA PRO B 301 -12.50 -19.40 -31.40
C PRO B 301 -12.82 -18.20 -32.29
N ALA B 302 -14.09 -17.80 -32.36
CA ALA B 302 -14.52 -16.66 -33.17
C ALA B 302 -14.26 -15.28 -32.53
N LEU B 303 -13.63 -15.25 -31.36
CA LEU B 303 -13.13 -13.98 -30.83
C LEU B 303 -12.37 -13.21 -31.90
N PRO B 304 -12.84 -12.04 -32.30
CA PRO B 304 -12.15 -11.32 -33.37
C PRO B 304 -10.80 -10.73 -32.98
N ASP B 305 -9.86 -10.66 -33.94
CA ASP B 305 -8.60 -9.96 -33.70
C ASP B 305 -8.86 -8.57 -33.17
N GLY B 306 -8.07 -8.16 -32.17
CA GLY B 306 -8.14 -6.80 -31.64
C GLY B 306 -9.35 -6.42 -30.81
N ALA B 307 -10.24 -7.37 -30.53
CA ALA B 307 -11.54 -7.03 -29.92
C ALA B 307 -11.52 -6.79 -28.42
N LEU B 308 -10.38 -7.08 -27.78
CA LEU B 308 -10.24 -6.93 -26.33
C LEU B 308 -9.84 -5.50 -25.92
N ALA B 309 -10.84 -4.71 -25.54
CA ALA B 309 -10.63 -3.32 -25.20
C ALA B 309 -10.23 -3.15 -23.74
N PRO B 310 -9.49 -2.08 -23.44
CA PRO B 310 -9.04 -1.90 -22.06
C PRO B 310 -10.24 -1.87 -21.12
N GLY B 311 -10.16 -2.63 -20.03
CA GLY B 311 -11.22 -2.65 -19.05
C GLY B 311 -10.77 -1.96 -17.78
N TYR B 312 -10.46 -2.74 -16.76
CA TYR B 312 -10.07 -2.19 -15.48
C TYR B 312 -9.35 -3.25 -14.70
N THR B 313 -8.83 -2.89 -13.53
CA THR B 313 -8.13 -3.87 -12.70
C THR B 313 -8.73 -3.91 -11.30
N GLY B 314 -8.47 -5.01 -10.60
CA GLY B 314 -8.81 -5.11 -9.18
C GLY B 314 -7.62 -5.78 -8.53
N ILE B 315 -7.53 -5.66 -7.20
CA ILE B 315 -6.46 -6.36 -6.46
C ILE B 315 -7.06 -7.25 -5.38
N ARG B 316 -6.64 -8.50 -5.37
CA ARG B 316 -7.11 -9.48 -4.38
C ARG B 316 -6.28 -9.41 -3.09
N PRO B 317 -6.96 -9.40 -1.92
CA PRO B 317 -6.23 -9.50 -0.66
C PRO B 317 -5.77 -10.95 -0.47
N LYS B 318 -4.46 -11.15 -0.45
CA LYS B 318 -3.90 -12.49 -0.25
C LYS B 318 -3.15 -12.57 1.07
N ILE B 319 -3.19 -13.75 1.70
CA ILE B 319 -2.52 -14.02 2.97
C ILE B 319 -1.66 -15.28 2.86
N SER B 320 -1.52 -15.77 1.63
CA SER B 320 -0.54 -16.81 1.29
C SER B 320 0.13 -16.40 -0.03
N GLY B 321 1.33 -16.92 -0.29
CA GLY B 321 2.15 -16.43 -1.41
C GLY B 321 1.95 -17.19 -2.71
N PRO B 322 2.69 -16.78 -3.75
CA PRO B 322 2.43 -17.31 -5.10
C PRO B 322 2.63 -18.81 -5.25
N HIS B 323 3.50 -19.41 -4.42
CA HIS B 323 3.71 -20.86 -4.52
C HIS B 323 3.10 -21.66 -3.38
N GLU B 324 2.11 -21.08 -2.71
CA GLU B 324 1.40 -21.80 -1.68
C GLU B 324 -0.04 -22.03 -2.10
N PRO B 325 -0.68 -23.05 -1.54
CA PRO B 325 -2.11 -23.25 -1.77
C PRO B 325 -2.85 -22.00 -1.33
N ALA B 326 -3.95 -21.68 -2.00
CA ALA B 326 -4.70 -20.48 -1.67
C ALA B 326 -5.29 -20.63 -0.28
N ALA B 327 -4.90 -19.72 0.62
CA ALA B 327 -5.45 -19.73 1.98
C ALA B 327 -6.97 -19.52 1.98
N ASP B 328 -7.63 -20.07 2.99
CA ASP B 328 -9.08 -19.88 3.19
C ASP B 328 -9.30 -18.44 3.64
N PHE B 329 -10.55 -18.01 3.63
CA PHE B 329 -10.91 -16.79 4.35
C PHE B 329 -10.39 -16.94 5.78
N ALA B 330 -9.98 -15.78 6.33
CA ALA B 330 -9.40 -15.54 7.64
C ALA B 330 -10.46 -14.83 8.47
N ILE B 331 -11.11 -15.47 9.42
CA ILE B 331 -11.95 -14.70 10.33
C ILE B 331 -11.78 -14.86 11.85
N ALA B 332 -11.01 -14.00 12.52
CA ALA B 332 -9.97 -14.37 13.47
C ALA B 332 -10.64 -13.63 14.66
N GLY B 333 -11.36 -14.37 15.51
CA GLY B 333 -12.04 -13.79 16.66
C GLY B 333 -11.28 -14.10 17.95
N PRO B 334 -11.88 -13.76 19.11
CA PRO B 334 -11.22 -13.95 20.41
C PRO B 334 -10.82 -15.40 20.70
N ALA B 335 -11.52 -16.36 20.12
CA ALA B 335 -11.16 -17.78 20.37
C ALA B 335 -9.82 -18.14 19.77
N SER B 336 -9.39 -17.39 18.76
CA SER B 336 -8.11 -17.65 18.12
C SER B 336 -6.97 -16.75 18.60
N HIS B 337 -7.20 -15.43 18.67
CA HIS B 337 -6.12 -14.53 19.07
C HIS B 337 -6.15 -14.09 20.54
N GLY B 338 -7.23 -14.44 21.24
CA GLY B 338 -7.37 -14.14 22.66
C GLY B 338 -7.81 -12.73 23.00
N VAL B 339 -7.94 -11.86 22.00
CA VAL B 339 -8.28 -10.46 22.27
C VAL B 339 -9.79 -10.26 22.34
N ALA B 340 -10.26 -9.90 23.54
CA ALA B 340 -11.69 -9.70 23.77
C ALA B 340 -12.27 -8.67 22.81
N GLY B 341 -13.42 -8.99 22.23
CA GLY B 341 -14.14 -8.04 21.38
C GLY B 341 -13.53 -7.66 20.04
N LEU B 342 -12.50 -8.41 19.63
CA LEU B 342 -11.84 -8.15 18.36
C LEU B 342 -12.09 -9.23 17.33
N VAL B 343 -12.51 -8.83 16.13
CA VAL B 343 -12.49 -9.75 14.99
C VAL B 343 -11.71 -9.11 13.86
N ASN B 344 -10.69 -9.82 13.39
CA ASN B 344 -9.93 -9.44 12.20
C ASN B 344 -10.34 -10.31 11.03
N LEU B 345 -10.69 -9.67 9.92
CA LEU B 345 -10.98 -10.42 8.70
C LEU B 345 -9.80 -10.27 7.74
N TYR B 346 -9.24 -11.41 7.34
CA TYR B 346 -8.11 -11.40 6.43
C TYR B 346 -8.36 -12.27 5.23
N GLY B 347 -7.83 -11.85 4.08
CA GLY B 347 -7.83 -12.67 2.86
C GLY B 347 -9.24 -12.87 2.34
N ILE B 348 -10.06 -11.82 2.47
CA ILE B 348 -11.43 -11.96 1.98
C ILE B 348 -11.52 -11.61 0.48
N GLU B 349 -10.97 -12.51 -0.34
CA GLU B 349 -10.97 -12.35 -1.78
C GLU B 349 -12.24 -13.04 -2.29
N SER B 350 -12.29 -13.36 -3.57
CA SER B 350 -13.43 -14.11 -4.09
C SER B 350 -13.58 -15.42 -3.32
N PRO B 351 -14.82 -15.81 -2.96
CA PRO B 351 -16.13 -15.24 -3.30
C PRO B 351 -16.70 -14.38 -2.18
N GLY B 352 -15.92 -13.42 -1.70
CA GLY B 352 -16.36 -12.63 -0.55
C GLY B 352 -17.62 -11.79 -0.78
N LEU B 353 -17.85 -11.33 -2.02
CA LEU B 353 -19.08 -10.58 -2.33
C LEU B 353 -20.27 -11.52 -2.15
N THR B 354 -20.19 -12.68 -2.79
CA THR B 354 -21.25 -13.68 -2.71
C THR B 354 -21.49 -14.08 -1.28
N ALA B 355 -20.40 -14.25 -0.53
CA ALA B 355 -20.47 -14.72 0.85
C ALA B 355 -20.80 -13.65 1.90
N SER B 356 -20.93 -12.41 1.49
CA SER B 356 -20.91 -11.26 2.41
C SER B 356 -21.89 -11.38 3.59
N LEU B 357 -23.15 -11.72 3.34
CA LEU B 357 -24.10 -11.86 4.45
C LEU B 357 -23.76 -13.03 5.38
N ALA B 358 -23.23 -14.11 4.84
CA ALA B 358 -22.79 -15.24 5.65
C ALA B 358 -21.51 -14.91 6.44
N ILE B 359 -20.61 -14.15 5.83
CA ILE B 359 -19.41 -13.67 6.52
C ILE B 359 -19.83 -12.82 7.73
N ALA B 360 -20.87 -12.00 7.55
CA ALA B 360 -21.37 -11.20 8.69
C ALA B 360 -21.89 -12.11 9.81
N GLU B 361 -22.64 -13.15 9.44
CA GLU B 361 -23.11 -14.12 10.43
C GLU B 361 -21.96 -14.76 11.18
N GLU B 362 -20.94 -15.16 10.45
CA GLU B 362 -19.82 -15.87 11.03
C GLU B 362 -19.00 -14.93 11.93
N THR B 363 -18.91 -13.66 11.54
CA THR B 363 -18.19 -12.65 12.32
C THR B 363 -18.84 -12.49 13.70
N LEU B 364 -20.16 -12.38 13.72
CA LEU B 364 -20.89 -12.21 14.97
C LEU B 364 -20.78 -13.45 15.83
N ALA B 365 -20.82 -14.62 15.19
CA ALA B 365 -20.72 -15.88 15.93
C ALA B 365 -19.35 -15.94 16.59
N ARG B 366 -18.30 -15.61 15.83
CA ARG B 366 -16.94 -15.67 16.35
C ARG B 366 -16.66 -14.58 17.41
N LEU B 367 -17.25 -13.41 17.22
CA LEU B 367 -17.14 -12.33 18.20
C LEU B 367 -17.67 -12.83 19.55
N ALA B 368 -18.75 -13.61 19.51
CA ALA B 368 -19.42 -14.09 20.72
C ALA B 368 -18.82 -15.40 21.22
PA FAD C . 12.36 4.83 -1.72
O1A FAD C . 10.92 4.82 -1.28
O2A FAD C . 12.77 5.99 -2.64
O5B FAD C . 12.70 3.46 -2.48
C5B FAD C . 12.16 2.22 -2.06
C4B FAD C . 11.92 1.44 -3.36
O4B FAD C . 11.49 0.13 -3.06
C3B FAD C . 10.81 2.10 -4.21
O3B FAD C . 11.30 2.55 -5.45
C2B FAD C . 9.77 0.99 -4.38
O2B FAD C . 9.19 0.99 -5.67
C1B FAD C . 10.59 -0.25 -4.10
N9A FAD C . 9.81 -1.36 -3.56
C8A FAD C . 8.91 -1.38 -2.54
N7A FAD C . 8.52 -2.67 -2.36
C5A FAD C . 9.15 -3.47 -3.28
C6A FAD C . 9.14 -4.83 -3.55
N6A FAD C . 8.33 -5.69 -2.90
N1A FAD C . 9.95 -5.30 -4.57
C2A FAD C . 10.77 -4.47 -5.30
N3A FAD C . 10.79 -3.11 -5.02
C4A FAD C . 10.00 -2.64 -4.02
N1 FAD C . 15.60 13.74 2.98
C2 FAD C . 16.57 14.71 2.93
O2 FAD C . 17.74 14.41 3.16
N3 FAD C . 16.24 16.02 2.65
C4 FAD C . 14.92 16.37 2.44
O4 FAD C . 14.61 17.54 2.16
C4X FAD C . 13.93 15.40 2.50
N5 FAD C . 12.61 15.76 2.30
C5X FAD C . 11.64 14.77 2.34
C6 FAD C . 10.30 15.13 2.14
C7 FAD C . 9.32 14.14 2.16
C7M FAD C . 7.88 14.53 1.94
C8 FAD C . 9.66 12.80 2.40
C8M FAD C . 8.60 11.72 2.45
C9 FAD C . 10.99 12.45 2.62
C9A FAD C . 11.97 13.44 2.58
N10 FAD C . 13.31 13.11 2.77
C10 FAD C . 14.27 14.08 2.75
C1' FAD C . 13.76 11.68 2.86
C2' FAD C . 14.18 11.07 1.52
O2' FAD C . 13.26 11.46 0.52
C3' FAD C . 14.19 9.56 1.75
O3' FAD C . 14.86 9.24 2.97
C4' FAD C . 14.80 8.76 0.59
O4' FAD C . 14.24 9.09 -0.68
C5' FAD C . 14.44 7.32 0.88
O5' FAD C . 14.98 6.54 -0.16
P FAD C . 14.77 4.96 -0.01
O1P FAD C . 15.61 4.29 -1.04
O2P FAD C . 14.97 4.44 1.36
O3P FAD C . 13.19 4.76 -0.36
O1 TLA D . 12.83 19.36 5.21
O11 TLA D . 13.69 17.30 5.25
C1 TLA D . 12.72 18.10 5.27
C2 TLA D . 11.35 17.52 5.38
O2 TLA D . 10.40 18.53 5.07
C3 TLA D . 11.14 17.01 6.80
O3 TLA D . 11.19 18.08 7.74
C4 TLA D . 9.78 16.37 6.89
O4 TLA D . 9.65 15.21 6.42
O41 TLA D . 8.83 17.01 7.42
O1 TLA E . -1.24 -2.08 4.19
O11 TLA E . -0.02 -0.85 5.54
C1 TLA E . -0.17 -1.84 4.78
C2 TLA E . 1.00 -2.77 4.63
O2 TLA E . 1.80 -2.71 5.81
C3 TLA E . 1.74 -2.59 3.27
O3 TLA E . 1.86 -1.25 2.74
C4 TLA E . 2.92 -3.51 3.14
O4 TLA E . 2.74 -4.63 3.66
O41 TLA E . 3.96 -3.20 2.50
PA FAD F . -12.92 -3.70 0.48
O1A FAD F . -11.50 -3.67 -0.05
O2A FAD F . -14.03 -3.44 -0.49
O5B FAD F . -13.13 -2.69 1.72
C5B FAD F . -12.10 -2.40 2.63
C4B FAD F . -12.28 -0.95 3.03
O4B FAD F . -11.43 -0.64 4.11
C3B FAD F . -11.88 -0.03 1.88
O3B FAD F . -12.98 0.78 1.51
C2B FAD F . -10.75 0.81 2.44
O2B FAD F . -10.74 2.14 1.94
C1B FAD F . -10.99 0.70 3.94
N9A FAD F . -9.76 0.87 4.73
C8A FAD F . -8.55 0.25 4.55
N7A FAD F . -7.70 0.69 5.53
C5A FAD F . -8.37 1.54 6.35
C6A FAD F . -8.02 2.25 7.50
N6A FAD F . -6.82 2.15 8.11
N1A FAD F . -8.98 3.03 8.08
C2A FAD F . -10.27 3.14 7.58
N3A FAD F . -10.59 2.43 6.45
C4A FAD F . -9.67 1.65 5.85
N1 FAD F . -16.30 -12.05 -5.07
C2 FAD F . -17.48 -12.62 -5.53
O2 FAD F . -18.25 -13.12 -4.74
N3 FAD F . -17.73 -12.69 -6.87
C4 FAD F . -16.81 -12.20 -7.79
O4 FAD F . -17.03 -12.23 -9.01
C4X FAD F . -15.63 -11.63 -7.34
N5 FAD F . -14.71 -11.13 -8.26
C5X FAD F . -13.54 -10.57 -7.81
C6 FAD F . -12.62 -10.09 -8.72
C7 FAD F . -11.44 -9.49 -8.30
C7M FAD F . -10.45 -8.96 -9.31
C8 FAD F . -11.20 -9.39 -6.94
C8M FAD F . -9.94 -8.73 -6.46
C9 FAD F . -12.12 -9.88 -6.02
C9A FAD F . -13.32 -10.47 -6.44
N10 FAD F . -14.24 -10.96 -5.52
C10 FAD F . -15.40 -11.55 -5.98
C1' FAD F . -14.08 -10.70 -4.06
C2' FAD F . -14.84 -9.45 -3.59
O2' FAD F . -14.63 -8.37 -4.49
C3' FAD F . -14.32 -9.11 -2.18
O3' FAD F . -14.39 -10.28 -1.40
C4' FAD F . -15.07 -8.00 -1.46
O4' FAD F . -15.24 -6.88 -2.30
C5' FAD F . -14.22 -7.58 -0.29
O5' FAD F . -14.92 -6.58 0.41
P FAD F . -14.25 -6.00 1.75
O1P FAD F . -15.28 -5.14 2.46
O2P FAD F . -13.64 -7.10 2.55
O3P FAD F . -13.01 -5.15 1.15
O1 TLA G . -14.74 -15.20 -10.68
O11 TLA G . -14.83 -14.57 -8.57
C1 TLA G . -14.23 -14.69 -9.65
C2 TLA G . -12.82 -14.18 -9.68
O2 TLA G . -12.47 -13.91 -11.04
C3 TLA G . -11.89 -15.22 -9.10
O3 TLA G . -11.90 -16.38 -9.93
C4 TLA G . -10.50 -14.65 -9.07
O4 TLA G . -10.26 -13.81 -8.18
O41 TLA G . -9.66 -15.03 -9.93
#